data_4OR2
#
_entry.id   4OR2
#
_cell.length_a   67.361
_cell.length_b   86.552
_cell.length_c   168.277
_cell.angle_alpha   90.00
_cell.angle_beta   90.00
_cell.angle_gamma   90.00
#
_symmetry.space_group_name_H-M   'P 21 21 21'
#
loop_
_entity.id
_entity.type
_entity.pdbx_description
1 polymer 'Soluble cytochrome b562, Metabotropic glutamate receptor 1'
2 non-polymer 4-fluoro-N-methyl-N-{4-[6-(propan-2-ylamino)pyrimidin-4-yl]-1,3-thiazol-2-yl}benzamide
3 non-polymer CHOLESTEROL
4 non-polymer 'OLEIC ACID'
5 non-polymer '(2R)-2,3-dihydroxypropyl (9Z)-octadec-9-enoate'
6 non-polymer 'PHOSPHATE ION'
7 water water
#
_entity_poly.entity_id   1
_entity_poly.type   'polypeptide(L)'
_entity_poly.pdbx_seq_one_letter_code
;GGTADLEDNWETLNDNLKVIEKADNAAQVKDALTKMRAAALDAQKATPPKLEDKSPDSPEMKDFRHGFDILVGQIDDALK
LANEGKVKEAQAAAEQLKTTRNAYIQKYLIPVRYLEWSNIESIIAIAFSCLGILVTLFVTLIFVLYRDTPVVKSSSRELC
YIILAGIFLGYVCPFTLIAKPTTTSCYLQRLLVGLSSAMCYSALVTKTNRIARILAGSKKKICTRKPRFMSAWAQVIIAS
ILISVQLTLVVTLIIMEPPMPILSYPSIKEVYLICNTSNLGVVAPLGYNGLLIMSCTYYAFKTRNVPANFNEAKYIAFTM
YTTCIIWLAFVPIYFGSNYKIITTCFAVSLSVTVALGCMFTPKMYIIIAKPERNVRSAFTTSDVVRMHV
;
_entity_poly.pdbx_strand_id   A,B
#
# COMPACT_ATOMS: atom_id res chain seq x y z
N ASP A 5 -18.81 -18.35 -24.41
CA ASP A 5 -17.38 -18.14 -24.22
C ASP A 5 -16.98 -16.73 -24.66
N LEU A 6 -16.22 -16.00 -23.81
CA LEU A 6 -15.77 -14.63 -24.06
C LEU A 6 -14.71 -14.57 -25.17
N GLU A 7 -13.94 -15.67 -25.37
CA GLU A 7 -12.91 -15.81 -26.41
C GLU A 7 -13.54 -15.87 -27.82
N ASP A 8 -14.73 -16.48 -27.93
CA ASP A 8 -15.48 -16.61 -29.18
C ASP A 8 -16.43 -15.42 -29.40
N ASN A 9 -16.82 -14.72 -28.30
CA ASN A 9 -17.66 -13.52 -28.35
C ASN A 9 -16.88 -12.37 -28.98
N TRP A 10 -15.56 -12.32 -28.72
CA TRP A 10 -14.63 -11.33 -29.24
C TRP A 10 -14.27 -11.66 -30.70
N GLU A 11 -14.48 -12.94 -31.13
CA GLU A 11 -14.25 -13.39 -32.49
C GLU A 11 -15.41 -12.92 -33.37
N THR A 12 -16.66 -13.05 -32.87
CA THR A 12 -17.90 -12.63 -33.55
C THR A 12 -17.87 -11.10 -33.72
N LEU A 13 -17.37 -10.39 -32.69
CA LEU A 13 -17.20 -8.95 -32.62
C LEU A 13 -16.26 -8.43 -33.72
N ASN A 14 -15.09 -9.07 -33.87
CA ASN A 14 -14.04 -8.73 -34.83
C ASN A 14 -14.45 -9.06 -36.28
N ASP A 15 -15.07 -10.23 -36.50
CA ASP A 15 -15.51 -10.70 -37.82
C ASP A 15 -16.68 -9.90 -38.37
N ASN A 16 -17.58 -9.41 -37.50
CA ASN A 16 -18.74 -8.60 -37.92
C ASN A 16 -18.32 -7.17 -38.27
N LEU A 17 -17.20 -6.68 -37.69
CA LEU A 17 -16.63 -5.36 -37.97
C LEU A 17 -16.02 -5.37 -39.38
N LYS A 18 -15.53 -6.56 -39.82
CA LYS A 18 -14.98 -6.81 -41.15
C LYS A 18 -16.08 -6.78 -42.20
N VAL A 19 -17.33 -7.16 -41.82
CA VAL A 19 -18.52 -7.18 -42.69
C VAL A 19 -18.90 -5.74 -43.06
N ILE A 20 -18.72 -4.77 -42.12
CA ILE A 20 -19.02 -3.35 -42.32
C ILE A 20 -18.07 -2.75 -43.39
N GLU A 21 -16.80 -3.19 -43.39
CA GLU A 21 -15.75 -2.78 -44.34
C GLU A 21 -16.10 -3.21 -45.77
N LYS A 22 -16.57 -4.46 -45.96
CA LYS A 22 -16.94 -5.02 -47.27
C LYS A 22 -18.47 -4.98 -47.51
N ALA A 23 -19.18 -4.07 -46.82
CA ALA A 23 -20.63 -3.91 -46.97
C ALA A 23 -20.97 -3.13 -48.24
N ASP A 24 -21.91 -3.66 -49.04
CA ASP A 24 -22.36 -3.04 -50.29
C ASP A 24 -23.89 -2.92 -50.33
N ASN A 25 -24.53 -2.89 -49.14
CA ASN A 25 -25.98 -2.75 -48.92
C ASN A 25 -26.30 -2.47 -47.44
N ALA A 26 -27.52 -1.93 -47.18
CA ALA A 26 -28.02 -1.58 -45.84
C ALA A 26 -28.29 -2.83 -44.99
N ALA A 27 -28.67 -3.95 -45.65
CA ALA A 27 -28.97 -5.23 -45.00
C ALA A 27 -27.71 -5.90 -44.42
N GLN A 28 -26.54 -5.66 -45.06
CA GLN A 28 -25.24 -6.22 -44.66
C GLN A 28 -24.65 -5.48 -43.43
N VAL A 29 -25.23 -4.33 -43.05
CA VAL A 29 -24.79 -3.52 -41.91
C VAL A 29 -25.72 -3.77 -40.71
N LYS A 30 -27.07 -3.68 -40.91
CA LYS A 30 -28.11 -3.88 -39.89
C LYS A 30 -28.05 -5.27 -39.24
N ASP A 31 -27.75 -6.30 -40.04
CA ASP A 31 -27.61 -7.69 -39.57
C ASP A 31 -26.31 -7.86 -38.80
N ALA A 32 -25.20 -7.26 -39.29
CA ALA A 32 -23.88 -7.34 -38.69
C ALA A 32 -23.77 -6.53 -37.39
N LEU A 33 -24.66 -5.53 -37.18
CA LEU A 33 -24.68 -4.70 -35.97
C LEU A 33 -25.49 -5.35 -34.86
N THR A 34 -26.68 -5.93 -35.19
CA THR A 34 -27.56 -6.59 -34.23
C THR A 34 -26.88 -7.85 -33.66
N LYS A 35 -26.13 -8.58 -34.53
CA LYS A 35 -25.37 -9.78 -34.20
C LYS A 35 -24.17 -9.43 -33.32
N MET A 36 -23.63 -8.21 -33.50
CA MET A 36 -22.49 -7.65 -32.76
C MET A 36 -22.92 -7.17 -31.37
N ARG A 37 -24.17 -6.67 -31.24
CA ARG A 37 -24.71 -6.17 -29.98
C ARG A 37 -24.94 -7.34 -29.03
N ALA A 38 -25.50 -8.47 -29.54
CA ALA A 38 -25.75 -9.68 -28.76
C ALA A 38 -24.44 -10.36 -28.34
N ALA A 39 -23.39 -10.27 -29.20
CA ALA A 39 -22.05 -10.83 -28.95
C ALA A 39 -21.26 -10.00 -27.93
N ALA A 40 -21.55 -8.69 -27.84
CA ALA A 40 -20.91 -7.76 -26.91
C ALA A 40 -21.48 -7.92 -25.50
N LEU A 41 -22.81 -8.10 -25.39
CA LEU A 41 -23.53 -8.29 -24.12
C LEU A 41 -23.17 -9.63 -23.49
N ASP A 42 -22.89 -10.65 -24.34
CA ASP A 42 -22.50 -12.00 -23.97
C ASP A 42 -21.07 -12.03 -23.41
N ALA A 43 -20.23 -11.09 -23.87
CA ALA A 43 -18.84 -10.93 -23.43
C ALA A 43 -18.78 -10.11 -22.14
N GLN A 44 -19.73 -9.16 -21.96
CA GLN A 44 -19.83 -8.27 -20.78
C GLN A 44 -20.23 -9.07 -19.53
N LYS A 45 -21.23 -9.98 -19.66
CA LYS A 45 -21.72 -10.83 -18.57
C LYS A 45 -20.63 -11.84 -18.12
N ALA A 46 -19.64 -12.11 -19.00
CA ALA A 46 -18.52 -13.00 -18.75
C ALA A 46 -17.45 -12.29 -17.89
N THR A 47 -16.43 -13.05 -17.48
CA THR A 47 -15.30 -12.59 -16.67
C THR A 47 -14.00 -13.10 -17.32
N PRO A 48 -13.01 -12.23 -17.63
CA PRO A 48 -11.76 -12.75 -18.18
C PRO A 48 -10.96 -13.47 -17.09
N PRO A 49 -10.17 -14.51 -17.42
CA PRO A 49 -9.46 -15.27 -16.35
C PRO A 49 -8.48 -14.46 -15.48
N LYS A 50 -8.03 -13.26 -15.92
CA LYS A 50 -7.13 -12.46 -15.06
C LYS A 50 -7.92 -11.66 -13.99
N LEU A 51 -9.27 -11.68 -14.09
CA LEU A 51 -10.19 -11.02 -13.16
C LEU A 51 -11.11 -12.04 -12.46
N GLU A 52 -10.86 -13.36 -12.65
CA GLU A 52 -11.66 -14.45 -12.09
C GLU A 52 -11.65 -14.50 -10.53
N ASP A 53 -10.57 -13.98 -9.90
CA ASP A 53 -10.43 -13.94 -8.44
C ASP A 53 -11.03 -12.66 -7.84
N LYS A 54 -11.15 -11.61 -8.67
CA LYS A 54 -11.66 -10.29 -8.30
C LYS A 54 -13.14 -10.33 -8.00
N SER A 55 -13.60 -9.48 -7.04
CA SER A 55 -15.01 -9.31 -6.68
C SER A 55 -15.80 -8.79 -7.90
N PRO A 56 -17.04 -9.24 -8.14
CA PRO A 56 -17.79 -8.73 -9.32
C PRO A 56 -17.96 -7.20 -9.33
N ASP A 57 -17.76 -6.53 -8.18
CA ASP A 57 -17.90 -5.08 -8.08
C ASP A 57 -16.54 -4.41 -7.77
N SER A 58 -15.43 -5.08 -8.15
CA SER A 58 -14.08 -4.54 -7.97
C SER A 58 -13.84 -3.47 -9.05
N PRO A 59 -12.95 -2.47 -8.83
CA PRO A 59 -12.75 -1.42 -9.86
C PRO A 59 -12.46 -1.94 -11.28
N GLU A 60 -11.63 -3.00 -11.42
CA GLU A 60 -11.25 -3.61 -12.70
C GLU A 60 -12.46 -4.25 -13.35
N MET A 61 -13.26 -4.98 -12.56
CA MET A 61 -14.47 -5.67 -13.00
C MET A 61 -15.51 -4.66 -13.45
N LYS A 62 -15.60 -3.53 -12.73
CA LYS A 62 -16.51 -2.43 -13.06
C LYS A 62 -16.08 -1.78 -14.36
N ASP A 63 -14.76 -1.50 -14.50
CA ASP A 63 -14.16 -0.90 -15.71
C ASP A 63 -14.23 -1.85 -16.91
N PHE A 64 -14.20 -3.16 -16.68
CA PHE A 64 -14.31 -4.16 -17.74
C PHE A 64 -15.69 -4.07 -18.38
N ARG A 65 -16.75 -4.10 -17.55
CA ARG A 65 -18.16 -4.02 -17.96
C ARG A 65 -18.49 -2.67 -18.59
N HIS A 66 -17.89 -1.57 -18.07
CA HIS A 66 -18.07 -0.19 -18.53
C HIS A 66 -17.57 -0.03 -19.97
N GLY A 67 -16.52 -0.76 -20.34
CA GLY A 67 -15.97 -0.76 -21.69
C GLY A 67 -16.98 -1.27 -22.70
N PHE A 68 -17.83 -2.23 -22.30
CA PHE A 68 -18.89 -2.80 -23.10
C PHE A 68 -20.12 -1.89 -23.13
N ASP A 69 -20.33 -1.10 -22.06
CA ASP A 69 -21.42 -0.12 -21.98
C ASP A 69 -21.23 0.95 -23.05
N ILE A 70 -19.95 1.38 -23.26
CA ILE A 70 -19.57 2.35 -24.27
C ILE A 70 -19.76 1.72 -25.65
N LEU A 71 -19.25 0.48 -25.81
CA LEU A 71 -19.30 -0.30 -27.05
C LEU A 71 -20.75 -0.57 -27.48
N VAL A 72 -21.62 -1.10 -26.57
CA VAL A 72 -23.04 -1.38 -26.87
C VAL A 72 -23.77 -0.05 -27.19
N GLY A 73 -23.42 1.01 -26.48
CA GLY A 73 -23.94 2.36 -26.69
C GLY A 73 -23.61 2.90 -28.07
N GLN A 74 -22.41 2.56 -28.58
CA GLN A 74 -21.91 2.91 -29.92
C GLN A 74 -22.65 2.12 -31.01
N ILE A 75 -22.99 0.83 -30.72
CA ILE A 75 -23.74 -0.05 -31.63
C ILE A 75 -25.17 0.53 -31.80
N ASP A 76 -25.73 1.13 -30.72
CA ASP A 76 -27.04 1.78 -30.73
C ASP A 76 -27.00 3.04 -31.60
N ASP A 77 -25.86 3.79 -31.56
CA ASP A 77 -25.62 5.00 -32.35
C ASP A 77 -25.52 4.67 -33.85
N ALA A 78 -24.85 3.55 -34.18
CA ALA A 78 -24.67 3.06 -35.55
C ALA A 78 -25.97 2.51 -36.12
N LEU A 79 -26.78 1.83 -35.28
CA LEU A 79 -28.09 1.29 -35.68
C LEU A 79 -29.11 2.42 -35.87
N LYS A 80 -28.91 3.57 -35.19
CA LYS A 80 -29.75 4.77 -35.29
C LYS A 80 -29.62 5.36 -36.70
N LEU A 81 -28.37 5.50 -37.19
CA LEU A 81 -28.03 6.04 -38.51
C LEU A 81 -28.41 5.07 -39.64
N ALA A 82 -28.24 3.74 -39.40
CA ALA A 82 -28.55 2.68 -40.36
C ALA A 82 -30.05 2.57 -40.61
N ASN A 83 -30.87 2.58 -39.53
CA ASN A 83 -32.34 2.51 -39.60
C ASN A 83 -32.94 3.78 -40.22
N GLU A 84 -32.23 4.93 -40.07
CA GLU A 84 -32.60 6.23 -40.64
C GLU A 84 -32.50 6.22 -42.16
N GLY A 85 -31.44 5.58 -42.66
CA GLY A 85 -31.10 5.47 -44.07
C GLY A 85 -29.68 5.91 -44.35
N LYS A 86 -29.09 6.67 -43.39
CA LYS A 86 -27.73 7.19 -43.46
C LYS A 86 -26.74 6.06 -43.07
N VAL A 87 -26.60 5.08 -43.99
CA VAL A 87 -25.75 3.90 -43.85
C VAL A 87 -24.27 4.31 -44.00
N LYS A 88 -24.00 5.41 -44.74
CA LYS A 88 -22.66 5.96 -44.96
C LYS A 88 -22.02 6.43 -43.64
N GLU A 89 -22.82 7.05 -42.75
CA GLU A 89 -22.38 7.53 -41.44
C GLU A 89 -22.24 6.36 -40.44
N ALA A 90 -23.10 5.32 -40.58
CA ALA A 90 -23.10 4.11 -39.75
C ALA A 90 -21.87 3.24 -40.04
N GLN A 91 -21.38 3.27 -41.29
CA GLN A 91 -20.21 2.55 -41.78
C GLN A 91 -18.93 3.09 -41.11
N ALA A 92 -18.88 4.42 -40.88
CA ALA A 92 -17.76 5.13 -40.25
C ALA A 92 -17.69 4.84 -38.75
N ALA A 93 -18.84 4.48 -38.14
CA ALA A 93 -18.96 4.16 -36.72
C ALA A 93 -18.25 2.83 -36.35
N ALA A 94 -17.94 1.99 -37.36
CA ALA A 94 -17.24 0.71 -37.21
C ALA A 94 -15.79 0.92 -36.75
N GLU A 95 -15.15 2.01 -37.23
CA GLU A 95 -13.78 2.35 -36.85
C GLU A 95 -13.75 2.90 -35.42
N GLN A 96 -14.85 3.54 -34.98
CA GLN A 96 -15.00 4.08 -33.62
C GLN A 96 -15.17 2.96 -32.59
N LEU A 97 -15.69 1.80 -33.02
CA LEU A 97 -15.90 0.61 -32.19
C LEU A 97 -14.58 -0.12 -31.93
N LYS A 98 -13.67 -0.10 -32.94
CA LYS A 98 -12.33 -0.72 -32.89
C LYS A 98 -11.46 -0.03 -31.83
N THR A 99 -11.59 1.31 -31.68
CA THR A 99 -10.84 2.10 -30.69
C THR A 99 -11.34 1.79 -29.27
N THR A 100 -12.67 1.57 -29.12
CA THR A 100 -13.34 1.26 -27.85
C THR A 100 -12.82 -0.07 -27.31
N ARG A 101 -12.67 -1.05 -28.21
CA ARG A 101 -12.13 -2.37 -27.94
C ARG A 101 -10.69 -2.22 -27.40
N ASN A 102 -9.89 -1.32 -28.01
CA ASN A 102 -8.50 -1.07 -27.64
C ASN A 102 -8.36 -0.31 -26.33
N ALA A 103 -8.84 0.94 -26.28
CA ALA A 103 -8.73 1.87 -25.14
C ALA A 103 -9.48 1.46 -23.86
N TYR A 104 -10.45 0.53 -23.94
CA TYR A 104 -11.23 0.18 -22.75
C TYR A 104 -11.28 -1.30 -22.39
N ILE A 105 -11.27 -2.23 -23.38
CA ILE A 105 -11.45 -3.66 -23.06
C ILE A 105 -10.20 -4.52 -23.29
N GLN A 106 -9.47 -4.32 -24.42
CA GLN A 106 -8.31 -5.15 -24.82
C GLN A 106 -7.33 -5.43 -23.66
N LYS A 107 -7.07 -4.45 -22.79
CA LYS A 107 -6.17 -4.58 -21.63
C LYS A 107 -6.54 -5.75 -20.69
N TYR A 108 -7.82 -6.17 -20.69
CA TYR A 108 -8.31 -7.28 -19.87
C TYR A 108 -8.29 -8.61 -20.64
N LEU A 109 -8.00 -8.57 -21.97
CA LEU A 109 -8.03 -9.75 -22.83
C LEU A 109 -6.66 -10.25 -23.26
N ILE A 110 -5.69 -9.34 -23.37
CA ILE A 110 -4.33 -9.69 -23.77
C ILE A 110 -3.34 -9.47 -22.60
N PRO A 111 -2.19 -10.21 -22.55
CA PRO A 111 -1.22 -9.97 -21.49
C PRO A 111 -0.58 -8.60 -21.66
N VAL A 112 -0.79 -7.72 -20.67
CA VAL A 112 -0.27 -6.35 -20.74
C VAL A 112 0.77 -6.09 -19.66
N ARG A 113 1.87 -5.44 -20.05
CA ARG A 113 3.00 -5.12 -19.20
C ARG A 113 2.85 -3.76 -18.57
N TYR A 114 3.14 -3.64 -17.27
CA TYR A 114 3.12 -2.38 -16.54
C TYR A 114 3.98 -2.53 -15.28
N LEU A 115 4.43 -1.39 -14.72
CA LEU A 115 5.29 -1.35 -13.53
C LEU A 115 4.48 -1.75 -12.29
N GLU A 116 4.86 -2.88 -11.66
CA GLU A 116 4.18 -3.39 -10.47
C GLU A 116 4.98 -3.08 -9.19
N TRP A 117 4.28 -3.05 -8.04
CA TRP A 117 4.82 -2.77 -6.70
C TRP A 117 5.88 -3.79 -6.30
N SER A 118 5.73 -5.04 -6.82
CA SER A 118 6.61 -6.20 -6.64
C SER A 118 8.05 -5.97 -7.17
N ASN A 119 8.23 -5.07 -8.14
CA ASN A 119 9.52 -4.76 -8.76
C ASN A 119 10.45 -4.10 -7.75
N ILE A 120 11.72 -4.54 -7.73
CA ILE A 120 12.76 -4.04 -6.82
C ILE A 120 12.87 -2.51 -6.95
N GLU A 121 12.87 -1.98 -8.19
CA GLU A 121 12.96 -0.55 -8.42
C GLU A 121 11.78 0.17 -7.77
N SER A 122 10.56 -0.40 -7.78
CA SER A 122 9.43 0.29 -7.15
C SER A 122 9.37 0.04 -5.64
N ILE A 123 10.00 -1.04 -5.15
CA ILE A 123 10.08 -1.33 -3.71
C ILE A 123 11.00 -0.26 -3.10
N ILE A 124 12.19 -0.03 -3.73
CA ILE A 124 13.17 0.98 -3.31
C ILE A 124 12.49 2.36 -3.30
N ALA A 125 11.84 2.73 -4.43
CA ALA A 125 11.15 3.99 -4.62
C ALA A 125 10.10 4.28 -3.54
N ILE A 126 9.24 3.28 -3.21
CA ILE A 126 8.17 3.43 -2.20
C ILE A 126 8.76 3.41 -0.77
N ALA A 127 9.81 2.57 -0.50
CA ALA A 127 10.51 2.51 0.78
C ALA A 127 11.17 3.86 1.11
N PHE A 128 11.76 4.48 0.07
CA PHE A 128 12.39 5.80 0.12
C PHE A 128 11.35 6.91 0.34
N SER A 129 10.13 6.74 -0.21
CA SER A 129 9.04 7.72 -0.09
C SER A 129 8.42 7.68 1.31
N CYS A 130 8.33 6.49 1.91
CA CYS A 130 7.80 6.29 3.26
C CYS A 130 8.70 6.97 4.26
N LEU A 131 10.05 6.82 4.09
CA LEU A 131 11.05 7.46 4.93
C LEU A 131 10.95 8.96 4.74
N GLY A 132 10.82 9.36 3.48
CA GLY A 132 10.66 10.74 3.10
C GLY A 132 9.49 11.43 3.76
N ILE A 133 8.29 10.81 3.68
CA ILE A 133 7.06 11.31 4.31
C ILE A 133 7.26 11.41 5.84
N LEU A 134 7.86 10.36 6.45
CA LEU A 134 8.11 10.30 7.89
C LEU A 134 9.04 11.40 8.36
N VAL A 135 10.18 11.59 7.66
CA VAL A 135 11.17 12.63 7.99
C VAL A 135 10.52 14.02 7.75
N THR A 136 9.74 14.18 6.67
CA THR A 136 9.04 15.43 6.35
C THR A 136 8.02 15.79 7.44
N LEU A 137 7.22 14.81 7.91
CA LEU A 137 6.25 15.05 8.98
C LEU A 137 6.99 15.32 10.32
N PHE A 138 8.17 14.70 10.52
CA PHE A 138 9.01 14.91 11.70
C PHE A 138 9.50 16.36 11.72
N VAL A 139 10.05 16.82 10.58
CA VAL A 139 10.56 18.18 10.35
C VAL A 139 9.42 19.20 10.57
N THR A 140 8.26 18.98 9.93
CA THR A 140 7.05 19.81 10.02
C THR A 140 6.62 19.98 11.49
N LEU A 141 6.58 18.88 12.25
CA LEU A 141 6.16 18.93 13.65
C LEU A 141 7.11 19.77 14.49
N ILE A 142 8.43 19.60 14.31
CA ILE A 142 9.46 20.35 15.04
C ILE A 142 9.30 21.84 14.70
N PHE A 143 9.09 22.17 13.42
CA PHE A 143 8.85 23.54 12.94
C PHE A 143 7.63 24.14 13.62
N VAL A 144 6.53 23.36 13.74
CA VAL A 144 5.28 23.77 14.37
C VAL A 144 5.47 23.89 15.90
N LEU A 145 6.17 22.93 16.55
CA LEU A 145 6.38 22.97 18.01
C LEU A 145 7.30 24.12 18.41
N TYR A 146 8.38 24.35 17.64
CA TYR A 146 9.37 25.40 17.87
C TYR A 146 9.05 26.64 16.99
N ARG A 147 7.74 26.96 16.89
CA ARG A 147 7.11 28.06 16.15
C ARG A 147 7.70 29.43 16.46
N ASP A 148 7.67 29.81 17.75
CA ASP A 148 8.10 31.10 18.27
C ASP A 148 9.61 31.17 18.58
N THR A 149 10.35 30.04 18.49
CA THR A 149 11.79 30.02 18.75
C THR A 149 12.54 30.86 17.70
N PRO A 150 13.55 31.64 18.13
CA PRO A 150 14.27 32.54 17.19
C PRO A 150 14.87 31.89 15.93
N VAL A 151 15.16 30.58 15.92
CA VAL A 151 15.76 29.90 14.76
C VAL A 151 14.74 29.80 13.60
N VAL A 152 13.46 29.46 13.90
CA VAL A 152 12.41 29.27 12.90
C VAL A 152 11.62 30.57 12.61
N LYS A 153 11.43 31.45 13.62
CA LYS A 153 10.69 32.72 13.49
C LYS A 153 11.39 33.72 12.53
N SER A 154 12.74 33.81 12.59
CA SER A 154 13.58 34.70 11.78
C SER A 154 13.40 34.44 10.27
N SER A 155 13.14 33.17 9.91
CA SER A 155 12.89 32.71 8.54
C SER A 155 11.43 32.98 8.13
N SER A 156 11.09 32.64 6.89
CA SER A 156 9.76 32.75 6.33
C SER A 156 9.06 31.43 6.64
N ARG A 157 8.44 31.33 7.84
CA ARG A 157 7.74 30.13 8.36
C ARG A 157 6.71 29.58 7.37
N GLU A 158 5.84 30.48 6.91
CA GLU A 158 4.72 30.26 5.99
C GLU A 158 5.24 29.71 4.65
N LEU A 159 6.39 30.22 4.16
CA LEU A 159 7.02 29.73 2.93
C LEU A 159 7.65 28.36 3.14
N CYS A 160 8.22 28.07 4.35
CA CYS A 160 8.81 26.77 4.71
C CYS A 160 7.72 25.73 4.74
N TYR A 161 6.51 26.15 5.17
CA TYR A 161 5.34 25.28 5.21
C TYR A 161 4.96 24.89 3.79
N ILE A 162 5.12 25.81 2.80
CA ILE A 162 4.86 25.57 1.37
C ILE A 162 5.93 24.58 0.82
N ILE A 163 7.21 24.83 1.17
CA ILE A 163 8.35 24.00 0.79
C ILE A 163 8.09 22.56 1.27
N LEU A 164 7.81 22.41 2.58
CA LEU A 164 7.58 21.11 3.20
C LEU A 164 6.35 20.44 2.63
N ALA A 165 5.31 21.24 2.32
CA ALA A 165 4.07 20.74 1.72
C ALA A 165 4.35 20.17 0.31
N GLY A 166 5.22 20.85 -0.44
CA GLY A 166 5.63 20.44 -1.77
C GLY A 166 6.49 19.21 -1.71
N ILE A 167 7.42 19.18 -0.71
CA ILE A 167 8.36 18.07 -0.42
C ILE A 167 7.55 16.82 -0.08
N PHE A 168 6.59 16.94 0.88
CA PHE A 168 5.69 15.85 1.26
C PHE A 168 5.04 15.29 0.01
N LEU A 169 4.43 16.19 -0.80
CA LEU A 169 3.73 15.87 -2.03
C LEU A 169 4.65 15.24 -3.08
N GLY A 170 5.91 15.67 -3.08
CA GLY A 170 6.97 15.09 -3.90
C GLY A 170 7.16 13.61 -3.62
N TYR A 171 7.09 13.21 -2.32
CA TYR A 171 7.19 11.81 -1.87
C TYR A 171 5.90 11.02 -2.13
N VAL A 172 4.76 11.73 -2.28
CA VAL A 172 3.48 11.10 -2.57
C VAL A 172 3.45 10.66 -4.07
N CYS A 173 4.11 11.42 -4.98
CA CYS A 173 4.17 11.17 -6.43
C CYS A 173 4.44 9.70 -6.77
N PRO A 174 5.51 9.00 -6.25
CA PRO A 174 5.73 7.59 -6.65
C PRO A 174 4.52 6.65 -6.45
N PHE A 175 3.68 6.87 -5.42
CA PHE A 175 2.48 6.07 -5.18
C PHE A 175 1.48 6.15 -6.37
N THR A 176 1.36 7.33 -6.99
CA THR A 176 0.49 7.60 -8.15
C THR A 176 1.11 7.08 -9.46
N LEU A 177 2.45 7.04 -9.50
CA LEU A 177 3.22 6.66 -10.66
C LEU A 177 3.41 5.14 -10.77
N ILE A 178 3.59 4.46 -9.64
CA ILE A 178 3.80 3.01 -9.60
C ILE A 178 2.44 2.25 -9.67
N ALA A 179 1.34 2.89 -9.21
CA ALA A 179 -0.02 2.33 -9.28
C ALA A 179 -0.40 2.05 -10.72
N LYS A 180 -0.94 0.83 -11.00
CA LYS A 180 -1.43 0.39 -12.31
C LYS A 180 -2.26 1.52 -12.93
N PRO A 181 -1.92 1.98 -14.17
CA PRO A 181 -2.63 3.14 -14.74
C PRO A 181 -4.15 3.02 -14.76
N THR A 182 -4.79 3.97 -14.08
CA THR A 182 -6.24 4.20 -14.00
C THR A 182 -6.44 5.67 -14.33
N THR A 183 -7.66 6.09 -14.72
CA THR A 183 -7.91 7.50 -15.01
C THR A 183 -7.46 8.37 -13.82
N THR A 184 -7.80 7.95 -12.58
CA THR A 184 -7.47 8.65 -11.33
C THR A 184 -5.96 8.79 -11.13
N SER A 185 -5.19 7.69 -11.25
CA SER A 185 -3.74 7.71 -11.07
C SER A 185 -3.08 8.58 -12.14
N CYS A 186 -3.61 8.60 -13.39
CA CYS A 186 -3.08 9.42 -14.50
C CYS A 186 -3.32 10.92 -14.22
N TYR A 187 -4.50 11.28 -13.67
CA TYR A 187 -4.81 12.65 -13.26
C TYR A 187 -3.86 13.10 -12.14
N LEU A 188 -3.85 12.33 -11.04
CA LEU A 188 -3.07 12.60 -9.84
C LEU A 188 -1.58 12.75 -10.10
N GLN A 189 -0.95 11.89 -10.92
CA GLN A 189 0.50 11.99 -11.20
C GLN A 189 0.84 13.29 -11.96
N ARG A 190 -0.01 13.71 -12.93
CA ARG A 190 0.18 14.92 -13.72
C ARG A 190 0.09 16.15 -12.83
N LEU A 191 -0.89 16.13 -11.91
CA LEU A 191 -1.17 17.18 -10.94
C LEU A 191 -0.08 17.25 -9.91
N LEU A 192 0.19 16.12 -9.23
CA LEU A 192 1.16 16.01 -8.15
C LEU A 192 2.60 16.18 -8.60
N VAL A 193 3.02 15.58 -9.74
CA VAL A 193 4.41 15.74 -10.22
C VAL A 193 4.68 17.22 -10.58
N GLY A 194 3.76 17.84 -11.31
CA GLY A 194 3.88 19.23 -11.70
C GLY A 194 3.86 20.21 -10.54
N LEU A 195 2.88 20.07 -9.64
CA LEU A 195 2.67 20.98 -8.52
C LEU A 195 3.62 20.77 -7.36
N SER A 196 4.06 19.53 -7.08
CA SER A 196 5.00 19.25 -5.97
C SER A 196 6.23 20.13 -6.10
N SER A 197 6.95 19.99 -7.24
CA SER A 197 8.17 20.72 -7.57
C SER A 197 7.94 22.21 -7.68
N ALA A 198 6.79 22.63 -8.29
CA ALA A 198 6.41 24.04 -8.42
C ALA A 198 6.23 24.67 -7.04
N MET A 199 5.62 23.95 -6.07
CA MET A 199 5.43 24.41 -4.69
C MET A 199 6.78 24.71 -4.04
N CYS A 200 7.76 23.79 -4.17
CA CYS A 200 9.12 23.91 -3.66
C CYS A 200 9.86 25.09 -4.29
N TYR A 201 9.87 25.16 -5.64
CA TYR A 201 10.67 26.16 -6.34
C TYR A 201 9.96 27.51 -6.46
N SER A 202 8.65 27.60 -6.14
CA SER A 202 7.99 28.90 -6.14
C SER A 202 8.26 29.55 -4.81
N ALA A 203 8.15 28.79 -3.70
CA ALA A 203 8.39 29.30 -2.37
C ALA A 203 9.88 29.63 -2.18
N LEU A 204 10.77 28.84 -2.83
CA LEU A 204 12.21 29.07 -2.78
C LEU A 204 12.64 30.27 -3.61
N VAL A 205 12.11 30.44 -4.86
CA VAL A 205 12.46 31.58 -5.73
C VAL A 205 12.00 32.89 -5.06
N THR A 206 10.92 32.84 -4.26
CA THR A 206 10.43 34.00 -3.51
C THR A 206 11.40 34.29 -2.33
N LYS A 207 11.78 33.22 -1.58
CA LYS A 207 12.71 33.25 -0.44
C LYS A 207 14.07 33.83 -0.84
N THR A 208 14.69 33.28 -1.91
CA THR A 208 15.99 33.67 -2.44
C THR A 208 15.95 35.05 -3.11
N ASN A 209 14.81 35.42 -3.75
CA ASN A 209 14.69 36.74 -4.35
C ASN A 209 14.80 37.80 -3.26
N ARG A 210 14.09 37.56 -2.13
CA ARG A 210 14.07 38.39 -0.92
C ARG A 210 15.49 38.56 -0.37
N ILE A 211 16.23 37.41 -0.14
CA ILE A 211 17.63 37.38 0.32
C ILE A 211 18.51 38.25 -0.62
N ALA A 212 18.35 38.07 -1.94
CA ALA A 212 19.09 38.81 -2.95
C ALA A 212 18.73 40.31 -2.94
N ARG A 213 17.44 40.65 -2.67
CA ARG A 213 16.97 42.04 -2.58
C ARG A 213 17.53 42.71 -1.32
N ILE A 214 17.61 41.94 -0.20
CA ILE A 214 18.15 42.34 1.11
C ILE A 214 19.63 42.76 0.91
N LEU A 215 20.37 42.06 0.01
CA LEU A 215 21.78 42.35 -0.33
C LEU A 215 21.89 43.76 -0.95
N ALA A 216 22.22 44.72 -0.07
CA ALA A 216 22.39 46.14 -0.36
C ALA A 216 23.24 46.78 0.74
N ARG A 225 12.78 54.32 2.17
CA ARG A 225 13.88 53.36 2.17
C ARG A 225 13.41 51.94 2.50
N LYS A 226 12.26 51.82 3.21
CA LYS A 226 11.65 50.55 3.63
C LYS A 226 11.29 49.67 2.40
N PRO A 227 11.94 48.49 2.26
CA PRO A 227 11.67 47.64 1.09
C PRO A 227 10.29 46.98 1.10
N ARG A 228 9.66 46.93 -0.08
CA ARG A 228 8.33 46.37 -0.30
C ARG A 228 8.37 44.87 -0.59
N PHE A 229 7.19 44.20 -0.45
CA PHE A 229 6.93 42.77 -0.71
C PHE A 229 7.80 41.85 0.17
N MET A 230 8.22 42.39 1.34
CA MET A 230 9.07 41.72 2.33
C MET A 230 8.23 40.95 3.37
N SER A 231 6.96 41.38 3.59
CA SER A 231 5.97 40.81 4.51
C SER A 231 5.75 39.29 4.34
N ALA A 232 5.19 38.62 5.38
CA ALA A 232 4.87 37.18 5.37
C ALA A 232 3.70 36.89 4.45
N TRP A 233 2.76 37.84 4.34
CA TRP A 233 1.62 37.72 3.44
C TRP A 233 2.06 37.94 2.00
N ALA A 234 2.90 38.97 1.74
CA ALA A 234 3.42 39.27 0.40
C ALA A 234 4.15 38.06 -0.17
N GLN A 235 4.97 37.38 0.66
CA GLN A 235 5.73 36.20 0.27
C GLN A 235 4.82 35.04 -0.15
N VAL A 236 3.79 34.75 0.68
CA VAL A 236 2.80 33.71 0.43
C VAL A 236 2.02 34.05 -0.84
N ILE A 237 1.54 35.30 -1.00
CA ILE A 237 0.80 35.74 -2.21
C ILE A 237 1.70 35.55 -3.47
N ILE A 238 2.96 36.05 -3.45
CA ILE A 238 3.91 35.93 -4.57
C ILE A 238 4.10 34.44 -4.92
N ALA A 239 4.33 33.60 -3.91
CA ALA A 239 4.51 32.16 -4.12
C ALA A 239 3.26 31.53 -4.72
N SER A 240 2.07 31.93 -4.22
CA SER A 240 0.76 31.44 -4.64
C SER A 240 0.47 31.77 -6.11
N ILE A 241 0.84 32.96 -6.58
CA ILE A 241 0.66 33.35 -7.98
C ILE A 241 1.54 32.45 -8.87
N LEU A 242 2.80 32.23 -8.47
CA LEU A 242 3.73 31.39 -9.23
C LEU A 242 3.25 29.93 -9.28
N ILE A 243 2.67 29.40 -8.17
CA ILE A 243 2.15 28.03 -8.12
C ILE A 243 0.94 27.92 -9.04
N SER A 244 0.04 28.94 -8.99
CA SER A 244 -1.18 29.02 -9.79
C SER A 244 -0.88 29.05 -11.31
N VAL A 245 0.32 29.51 -11.72
CA VAL A 245 0.74 29.47 -13.14
C VAL A 245 0.86 27.98 -13.52
N GLN A 246 1.51 27.15 -12.65
CA GLN A 246 1.66 25.72 -12.88
C GLN A 246 0.31 25.03 -12.80
N LEU A 247 -0.52 25.35 -11.79
CA LEU A 247 -1.86 24.80 -11.64
C LEU A 247 -2.70 25.08 -12.90
N THR A 248 -2.66 26.32 -13.44
CA THR A 248 -3.36 26.70 -14.66
C THR A 248 -2.84 25.87 -15.84
N LEU A 249 -1.50 25.83 -16.02
CA LEU A 249 -0.82 25.11 -17.09
C LEU A 249 -1.15 23.60 -17.08
N VAL A 250 -1.06 22.94 -15.90
CA VAL A 250 -1.32 21.52 -15.75
C VAL A 250 -2.81 21.18 -15.95
N VAL A 251 -3.71 21.93 -15.28
CA VAL A 251 -5.16 21.70 -15.38
C VAL A 251 -5.64 21.92 -16.83
N THR A 252 -5.20 23.02 -17.51
CA THR A 252 -5.57 23.31 -18.91
C THR A 252 -5.17 22.13 -19.82
N LEU A 253 -3.97 21.55 -19.60
CA LEU A 253 -3.47 20.39 -20.32
C LEU A 253 -4.30 19.16 -20.00
N ILE A 254 -4.69 18.98 -18.70
CA ILE A 254 -5.56 17.87 -18.26
C ILE A 254 -6.94 17.99 -18.96
N ILE A 255 -7.38 19.24 -19.25
CA ILE A 255 -8.66 19.51 -19.92
C ILE A 255 -8.54 19.22 -21.43
N MET A 256 -7.51 19.77 -22.12
CA MET A 256 -7.41 19.57 -23.57
C MET A 256 -6.81 18.21 -23.92
N GLU A 257 -6.16 17.54 -22.96
CA GLU A 257 -5.60 16.22 -23.16
C GLU A 257 -6.00 15.36 -21.94
N PRO A 258 -7.31 14.98 -21.81
CA PRO A 258 -7.76 14.24 -20.62
C PRO A 258 -6.96 12.97 -20.28
N PRO A 259 -6.56 12.84 -18.99
CA PRO A 259 -5.76 11.67 -18.56
C PRO A 259 -6.51 10.35 -18.66
N MET A 260 -5.85 9.37 -19.26
CA MET A 260 -6.40 8.05 -19.51
C MET A 260 -5.35 6.94 -19.51
N PRO A 261 -5.65 5.72 -19.03
CA PRO A 261 -4.69 4.62 -19.21
C PRO A 261 -4.82 4.08 -20.66
N ILE A 262 -3.72 3.98 -21.39
CA ILE A 262 -3.78 3.49 -22.78
C ILE A 262 -2.69 2.45 -23.01
N LEU A 263 -2.89 1.61 -24.06
CA LEU A 263 -1.95 0.57 -24.45
C LEU A 263 -0.92 1.12 -25.43
N SER A 264 0.35 1.12 -25.01
CA SER A 264 1.48 1.54 -25.81
C SER A 264 2.17 0.33 -26.42
N TYR A 265 2.71 0.50 -27.63
CA TYR A 265 3.39 -0.57 -28.36
C TYR A 265 4.84 -0.15 -28.74
N PRO A 266 5.74 0.18 -27.76
CA PRO A 266 7.14 0.50 -28.11
C PRO A 266 7.89 -0.79 -28.48
N SER A 267 7.70 -1.88 -27.68
CA SER A 267 8.25 -3.22 -27.91
C SER A 267 7.42 -3.94 -28.98
N ILE A 268 8.08 -4.71 -29.88
CA ILE A 268 7.43 -5.43 -30.98
C ILE A 268 6.54 -6.56 -30.47
N LYS A 269 6.86 -7.15 -29.31
CA LYS A 269 6.10 -8.26 -28.74
C LYS A 269 5.32 -7.89 -27.46
N GLU A 270 5.86 -6.98 -26.61
CA GLU A 270 5.24 -6.58 -25.35
C GLU A 270 4.33 -5.36 -25.52
N VAL A 271 3.12 -5.46 -24.95
CA VAL A 271 2.09 -4.40 -24.91
C VAL A 271 2.18 -3.77 -23.52
N TYR A 272 2.25 -2.43 -23.44
CA TYR A 272 2.38 -1.76 -22.15
C TYR A 272 1.15 -0.94 -21.77
N LEU A 273 0.73 -1.05 -20.53
CA LEU A 273 -0.35 -0.22 -20.03
C LEU A 273 0.29 0.98 -19.36
N ILE A 274 0.06 2.16 -19.93
CA ILE A 274 0.63 3.41 -19.41
C ILE A 274 -0.39 4.53 -19.48
N CYS A 275 -0.04 5.68 -18.92
CA CYS A 275 -0.88 6.86 -18.99
C CYS A 275 -0.68 7.56 -20.35
N ASN A 276 -1.76 8.11 -20.93
CA ASN A 276 -1.76 8.75 -22.25
C ASN A 276 -1.10 10.16 -22.30
N THR A 277 -0.38 10.56 -21.22
CA THR A 277 0.33 11.85 -21.09
C THR A 277 1.26 12.07 -22.31
N SER A 278 1.03 13.19 -23.05
CA SER A 278 1.79 13.62 -24.23
C SER A 278 3.13 14.25 -23.85
N ASN A 279 4.05 14.47 -24.84
CA ASN A 279 5.33 15.16 -24.63
C ASN A 279 5.06 16.56 -24.08
N LEU A 280 4.03 17.23 -24.61
CA LEU A 280 3.60 18.56 -24.18
C LEU A 280 3.17 18.51 -22.72
N GLY A 281 2.39 17.48 -22.37
CA GLY A 281 1.91 17.26 -21.02
C GLY A 281 3.02 17.15 -19.97
N VAL A 282 4.27 16.85 -20.42
CA VAL A 282 5.47 16.74 -19.59
C VAL A 282 6.36 18.00 -19.77
N VAL A 283 6.67 18.37 -21.03
CA VAL A 283 7.56 19.49 -21.36
C VAL A 283 7.00 20.83 -20.84
N ALA A 284 5.71 21.12 -21.04
CA ALA A 284 5.17 22.41 -20.57
C ALA A 284 5.36 22.55 -19.04
N PRO A 285 4.84 21.66 -18.14
CA PRO A 285 5.10 21.87 -16.71
C PRO A 285 6.58 21.69 -16.28
N LEU A 286 7.37 20.87 -17.01
CA LEU A 286 8.80 20.63 -16.72
C LEU A 286 9.60 21.90 -17.01
N GLY A 287 9.26 22.56 -18.13
CA GLY A 287 9.87 23.80 -18.58
C GLY A 287 9.62 24.93 -17.61
N TYR A 288 8.41 24.98 -17.02
CA TYR A 288 8.05 25.98 -16.03
C TYR A 288 8.83 25.69 -14.73
N ASN A 289 8.87 24.44 -14.30
CA ASN A 289 9.65 24.08 -13.11
C ASN A 289 11.13 24.40 -13.33
N GLY A 290 11.63 24.16 -14.55
CA GLY A 290 12.99 24.49 -14.97
C GLY A 290 13.28 25.97 -14.94
N LEU A 291 12.27 26.78 -15.31
CA LEU A 291 12.32 28.24 -15.24
C LEU A 291 12.45 28.69 -13.79
N LEU A 292 11.69 28.03 -12.87
CA LEU A 292 11.67 28.28 -11.44
C LEU A 292 13.00 27.92 -10.80
N ILE A 293 13.58 26.76 -11.19
CA ILE A 293 14.87 26.25 -10.71
C ILE A 293 15.99 27.21 -11.19
N MET A 294 15.96 27.59 -12.48
CA MET A 294 16.96 28.50 -13.08
C MET A 294 16.95 29.86 -12.37
N SER A 295 15.75 30.37 -12.04
CA SER A 295 15.56 31.63 -11.31
C SER A 295 16.10 31.52 -9.89
N CYS A 296 15.79 30.40 -9.21
CA CYS A 296 16.22 30.03 -7.86
C CYS A 296 17.71 30.04 -7.75
N THR A 297 18.39 29.28 -8.63
CA THR A 297 19.84 29.09 -8.72
C THR A 297 20.55 30.43 -8.97
N TYR A 298 19.97 31.33 -9.80
CA TYR A 298 20.52 32.66 -10.07
C TYR A 298 20.66 33.42 -8.75
N TYR A 299 19.54 33.52 -7.99
CA TYR A 299 19.48 34.20 -6.70
C TYR A 299 20.25 33.44 -5.61
N ALA A 300 20.23 32.08 -5.64
CA ALA A 300 20.97 31.23 -4.70
C ALA A 300 22.47 31.45 -4.85
N PHE A 301 22.96 31.54 -6.11
CA PHE A 301 24.35 31.79 -6.42
C PHE A 301 24.72 33.21 -6.02
N LYS A 302 23.90 34.21 -6.41
CA LYS A 302 24.12 35.63 -6.08
C LYS A 302 24.34 35.83 -4.57
N THR A 303 23.64 35.04 -3.73
CA THR A 303 23.69 35.14 -2.28
C THR A 303 24.33 33.90 -1.59
N ARG A 304 25.18 33.14 -2.32
N ARG A 304 25.17 33.12 -2.32
CA ARG A 304 25.84 31.91 -1.83
CA ARG A 304 25.82 31.91 -1.81
C ARG A 304 26.74 32.15 -0.59
C ARG A 304 26.71 32.16 -0.57
N ASN A 305 27.33 33.36 -0.44
CA ASN A 305 28.21 33.66 0.71
C ASN A 305 27.53 34.59 1.74
N VAL A 306 26.19 34.66 1.75
CA VAL A 306 25.47 35.45 2.76
C VAL A 306 25.48 34.61 4.07
N PRO A 307 26.02 35.16 5.18
CA PRO A 307 26.16 34.37 6.41
C PRO A 307 24.93 34.36 7.32
N ALA A 308 23.91 35.16 6.98
CA ALA A 308 22.67 35.25 7.77
C ALA A 308 21.93 33.92 7.85
N ASN A 309 21.40 33.64 9.06
CA ASN A 309 20.62 32.47 9.46
C ASN A 309 21.43 31.17 9.34
N PHE A 310 22.58 31.15 10.06
CA PHE A 310 23.50 30.01 10.16
C PHE A 310 23.87 29.49 8.76
N ASN A 311 24.31 30.42 7.87
CA ASN A 311 24.72 30.20 6.48
C ASN A 311 23.62 29.50 5.65
N GLU A 312 22.34 29.85 5.93
CA GLU A 312 21.10 29.40 5.29
C GLU A 312 21.22 29.41 3.75
N ALA A 313 21.85 30.46 3.20
CA ALA A 313 22.05 30.71 1.77
C ALA A 313 23.00 29.69 1.11
N LYS A 314 24.03 29.21 1.86
CA LYS A 314 24.98 28.20 1.39
C LYS A 314 24.22 26.89 1.07
N TYR A 315 23.41 26.38 2.03
CA TYR A 315 22.58 25.20 1.89
C TYR A 315 21.61 25.33 0.71
N ILE A 316 21.04 26.53 0.48
CA ILE A 316 20.11 26.73 -0.64
C ILE A 316 20.89 26.62 -1.96
N ALA A 317 22.06 27.27 -2.05
CA ALA A 317 22.92 27.26 -3.22
C ALA A 317 23.26 25.83 -3.66
N PHE A 318 23.80 25.00 -2.72
CA PHE A 318 24.11 23.60 -3.00
C PHE A 318 22.84 22.82 -3.42
N THR A 319 21.71 23.06 -2.75
CA THR A 319 20.42 22.41 -3.06
C THR A 319 20.07 22.67 -4.53
N MET A 320 20.31 23.93 -4.98
CA MET A 320 20.00 24.42 -6.31
C MET A 320 20.95 23.91 -7.36
N TYR A 321 22.24 23.75 -7.04
CA TYR A 321 23.19 23.20 -8.01
C TYR A 321 22.85 21.73 -8.28
N THR A 322 22.43 20.98 -7.25
CA THR A 322 22.08 19.57 -7.33
C THR A 322 20.80 19.41 -8.14
N THR A 323 19.77 20.23 -7.85
CA THR A 323 18.47 20.26 -8.51
C THR A 323 18.64 20.58 -10.02
N CYS A 324 19.59 21.49 -10.36
CA CYS A 324 19.89 21.83 -11.77
C CYS A 324 20.40 20.59 -12.50
N ILE A 325 21.38 19.86 -11.89
CA ILE A 325 21.96 18.64 -12.44
C ILE A 325 20.87 17.56 -12.57
N ILE A 326 19.99 17.38 -11.54
CA ILE A 326 18.91 16.40 -11.56
C ILE A 326 17.97 16.70 -12.75
N TRP A 327 17.59 17.98 -12.92
CA TRP A 327 16.71 18.46 -14.00
C TRP A 327 17.38 18.24 -15.35
N LEU A 328 18.64 18.70 -15.50
CA LEU A 328 19.43 18.54 -16.72
C LEU A 328 19.63 17.06 -17.07
N ALA A 329 19.76 16.18 -16.07
CA ALA A 329 19.90 14.75 -16.32
C ALA A 329 18.55 14.14 -16.68
N PHE A 330 17.46 14.64 -16.08
CA PHE A 330 16.10 14.14 -16.31
C PHE A 330 15.70 14.22 -17.79
N VAL A 331 16.00 15.34 -18.46
CA VAL A 331 15.59 15.54 -19.86
C VAL A 331 16.16 14.38 -20.77
N PRO A 332 17.50 14.14 -20.93
CA PRO A 332 17.94 13.03 -21.79
C PRO A 332 17.54 11.65 -21.28
N ILE A 333 17.44 11.44 -19.95
CA ILE A 333 17.05 10.13 -19.40
C ILE A 333 15.56 9.88 -19.72
N TYR A 334 14.69 10.87 -19.45
CA TYR A 334 13.26 10.71 -19.71
C TYR A 334 12.97 10.63 -21.22
N PHE A 335 13.55 11.53 -22.03
CA PHE A 335 13.22 11.57 -23.46
C PHE A 335 14.06 10.60 -24.31
N GLY A 336 15.16 10.09 -23.77
CA GLY A 336 16.03 9.18 -24.50
C GLY A 336 16.02 7.73 -24.07
N SER A 337 15.16 7.35 -23.11
CA SER A 337 15.07 5.96 -22.66
C SER A 337 13.63 5.57 -22.31
N ASN A 338 13.37 4.25 -22.20
CA ASN A 338 12.06 3.69 -21.85
C ASN A 338 11.96 3.43 -20.33
N TYR A 339 12.54 4.32 -19.49
CA TYR A 339 12.52 4.24 -18.03
C TYR A 339 11.78 5.46 -17.46
N LYS A 340 10.79 5.96 -18.20
CA LYS A 340 10.03 7.19 -17.94
C LYS A 340 9.31 7.25 -16.58
N ILE A 341 8.69 6.16 -16.12
CA ILE A 341 7.96 6.16 -14.85
C ILE A 341 8.95 6.22 -13.69
N ILE A 342 9.93 5.30 -13.64
CA ILE A 342 10.87 5.27 -12.54
C ILE A 342 11.78 6.54 -12.56
N THR A 343 12.13 7.09 -13.76
CA THR A 343 12.92 8.33 -13.89
C THR A 343 12.16 9.46 -13.22
N THR A 344 10.85 9.65 -13.55
CA THR A 344 10.02 10.69 -12.93
C THR A 344 10.04 10.48 -11.40
N CYS A 345 9.78 9.22 -10.94
CA CYS A 345 9.77 8.82 -9.53
C CYS A 345 11.03 9.31 -8.82
N PHE A 346 12.22 8.97 -9.35
CA PHE A 346 13.46 9.37 -8.71
C PHE A 346 13.83 10.83 -8.95
N ALA A 347 13.45 11.43 -10.09
CA ALA A 347 13.75 12.86 -10.30
C ALA A 347 13.04 13.70 -9.23
N VAL A 348 11.77 13.38 -8.97
CA VAL A 348 10.95 14.07 -7.98
C VAL A 348 11.48 13.76 -6.56
N SER A 349 11.54 12.47 -6.11
CA SER A 349 12.01 12.14 -4.76
C SER A 349 13.45 12.59 -4.50
N LEU A 350 14.39 12.43 -5.47
CA LEU A 350 15.78 12.88 -5.27
C LEU A 350 15.87 14.39 -5.11
N SER A 351 15.22 15.17 -5.99
CA SER A 351 15.25 16.64 -5.95
C SER A 351 14.65 17.19 -4.64
N VAL A 352 13.60 16.54 -4.14
CA VAL A 352 12.88 16.86 -2.92
C VAL A 352 13.73 16.43 -1.69
N THR A 353 14.44 15.30 -1.81
CA THR A 353 15.32 14.77 -0.75
C THR A 353 16.54 15.70 -0.56
N VAL A 354 17.12 16.30 -1.63
CA VAL A 354 18.24 17.26 -1.43
C VAL A 354 17.76 18.42 -0.61
N ALA A 355 16.59 19.00 -1.02
CA ALA A 355 15.97 20.12 -0.32
C ALA A 355 15.72 19.76 1.17
N LEU A 356 15.04 18.63 1.44
CA LEU A 356 14.77 18.18 2.80
C LEU A 356 16.08 17.94 3.59
N GLY A 357 17.04 17.28 2.95
CA GLY A 357 18.32 16.90 3.53
C GLY A 357 19.25 18.04 3.81
N CYS A 358 19.63 18.76 2.74
CA CYS A 358 20.57 19.87 2.81
C CYS A 358 20.00 21.08 3.60
N MET A 359 18.75 21.51 3.30
CA MET A 359 18.13 22.70 3.90
C MET A 359 17.50 22.49 5.30
N PHE A 360 16.94 21.29 5.61
CA PHE A 360 16.23 21.14 6.88
C PHE A 360 16.97 20.30 7.94
N THR A 361 17.91 19.40 7.56
CA THR A 361 18.69 18.59 8.54
C THR A 361 19.51 19.55 9.44
N PRO A 362 20.25 20.57 8.91
CA PRO A 362 20.96 21.49 9.81
C PRO A 362 19.99 22.23 10.77
N LYS A 363 18.80 22.65 10.27
CA LYS A 363 17.75 23.34 11.05
C LYS A 363 17.31 22.50 12.23
N MET A 364 17.21 21.15 12.05
CA MET A 364 16.85 20.19 13.10
C MET A 364 17.94 20.12 14.13
N TYR A 365 19.19 19.88 13.69
CA TYR A 365 20.39 19.80 14.52
C TYR A 365 20.58 21.07 15.34
N ILE A 366 20.27 22.25 14.77
CA ILE A 366 20.43 23.51 15.49
C ILE A 366 19.20 23.77 16.42
N ILE A 367 18.22 22.84 16.46
CA ILE A 367 17.04 22.94 17.34
C ILE A 367 17.00 21.74 18.33
N ILE A 368 17.00 20.49 17.82
CA ILE A 368 16.88 19.24 18.59
C ILE A 368 18.23 18.59 19.01
N ALA A 369 19.40 19.19 18.67
CA ALA A 369 20.71 18.63 19.02
C ALA A 369 21.68 19.70 19.55
N LYS A 370 21.46 20.97 19.15
CA LYS A 370 22.27 22.10 19.58
C LYS A 370 21.34 23.28 19.96
N PRO A 371 20.57 23.19 21.07
CA PRO A 371 19.65 24.30 21.42
C PRO A 371 20.35 25.54 22.02
N GLU A 372 21.42 26.01 21.31
CA GLU A 372 22.26 27.18 21.58
C GLU A 372 22.86 27.15 23.00
N ASP B 5 0.08 -26.45 -23.68
CA ASP B 5 -1.01 -25.83 -22.93
C ASP B 5 -1.00 -26.30 -21.49
N LEU B 6 -1.13 -25.36 -20.52
CA LEU B 6 -1.13 -25.64 -19.09
C LEU B 6 -2.42 -26.35 -18.65
N GLU B 7 -3.53 -26.13 -19.38
CA GLU B 7 -4.85 -26.73 -19.12
C GLU B 7 -4.83 -28.24 -19.42
N ASP B 8 -4.05 -28.65 -20.45
CA ASP B 8 -3.89 -30.05 -20.87
C ASP B 8 -2.74 -30.73 -20.11
N ASN B 9 -1.77 -29.94 -19.60
CA ASN B 9 -0.64 -30.43 -18.81
C ASN B 9 -1.14 -30.92 -17.44
N TRP B 10 -2.19 -30.26 -16.92
CA TRP B 10 -2.83 -30.59 -15.65
C TRP B 10 -3.79 -31.79 -15.84
N GLU B 11 -4.19 -32.07 -17.10
CA GLU B 11 -5.02 -33.21 -17.47
C GLU B 11 -4.17 -34.48 -17.47
N THR B 12 -2.95 -34.40 -18.06
CA THR B 12 -1.97 -35.49 -18.14
C THR B 12 -1.52 -35.87 -16.73
N LEU B 13 -1.36 -34.85 -15.87
CA LEU B 13 -0.98 -34.94 -14.46
C LEU B 13 -2.00 -35.75 -13.65
N ASN B 14 -3.30 -35.41 -13.80
CA ASN B 14 -4.43 -36.03 -13.11
C ASN B 14 -4.71 -37.46 -13.59
N ASP B 15 -4.63 -37.70 -14.92
CA ASP B 15 -4.90 -39.00 -15.54
C ASP B 15 -3.80 -40.02 -15.25
N ASN B 16 -2.54 -39.56 -15.11
CA ASN B 16 -1.41 -40.45 -14.82
C ASN B 16 -1.40 -40.85 -13.33
N LEU B 17 -2.00 -40.02 -12.45
CA LEU B 17 -2.14 -40.30 -11.01
C LEU B 17 -3.17 -41.43 -10.83
N LYS B 18 -4.15 -41.50 -11.75
CA LYS B 18 -5.20 -42.53 -11.81
C LYS B 18 -4.60 -43.88 -12.21
N VAL B 19 -3.51 -43.86 -13.03
CA VAL B 19 -2.80 -45.05 -13.50
C VAL B 19 -2.09 -45.74 -12.30
N ILE B 20 -1.59 -44.94 -11.32
CA ILE B 20 -0.91 -45.43 -10.11
C ILE B 20 -1.90 -46.22 -9.23
N GLU B 21 -3.16 -45.74 -9.15
CA GLU B 21 -4.26 -46.36 -8.40
C GLU B 21 -4.61 -47.75 -8.95
N LYS B 22 -4.69 -47.89 -10.30
CA LYS B 22 -5.02 -49.15 -10.96
C LYS B 22 -3.76 -49.88 -11.50
N ALA B 23 -2.59 -49.59 -10.92
CA ALA B 23 -1.32 -50.22 -11.30
C ALA B 23 -1.20 -51.63 -10.72
N ASP B 24 -0.85 -52.60 -11.57
CA ASP B 24 -0.68 -54.01 -11.18
C ASP B 24 0.68 -54.55 -11.63
N ASN B 25 1.68 -53.64 -11.82
CA ASN B 25 3.06 -53.93 -12.22
C ASN B 25 3.96 -52.68 -12.06
N ALA B 26 5.29 -52.90 -12.00
CA ALA B 26 6.32 -51.86 -11.84
C ALA B 26 6.42 -50.97 -13.10
N ALA B 27 6.14 -51.55 -14.28
CA ALA B 27 6.19 -50.85 -15.57
C ALA B 27 5.07 -49.83 -15.72
N GLN B 28 3.91 -50.07 -15.07
CA GLN B 28 2.73 -49.20 -15.11
C GLN B 28 2.88 -47.97 -14.19
N VAL B 29 3.92 -47.97 -13.32
CA VAL B 29 4.20 -46.87 -12.38
C VAL B 29 5.34 -46.00 -12.94
N LYS B 30 6.48 -46.63 -13.34
CA LYS B 30 7.67 -45.96 -13.88
C LYS B 30 7.34 -45.13 -15.13
N ASP B 31 6.49 -45.67 -16.03
CA ASP B 31 6.06 -44.99 -17.26
C ASP B 31 5.13 -43.81 -16.94
N ALA B 32 4.20 -44.01 -15.98
CA ALA B 32 3.23 -43.02 -15.56
C ALA B 32 3.87 -41.87 -14.74
N LEU B 33 5.06 -42.12 -14.14
CA LEU B 33 5.80 -41.11 -13.36
C LEU B 33 6.67 -40.23 -14.25
N THR B 34 7.39 -40.84 -15.22
CA THR B 34 8.28 -40.14 -16.16
C THR B 34 7.44 -39.21 -17.07
N LYS B 35 6.24 -39.67 -17.47
CA LYS B 35 5.28 -38.95 -18.30
C LYS B 35 4.68 -37.78 -17.53
N MET B 36 4.55 -37.95 -16.19
CA MET B 36 4.02 -36.97 -15.25
C MET B 36 5.05 -35.88 -14.93
N ARG B 37 6.35 -36.24 -14.92
CA ARG B 37 7.45 -35.30 -14.67
C ARG B 37 7.58 -34.32 -15.82
N ALA B 38 7.50 -34.82 -17.08
CA ALA B 38 7.58 -34.00 -18.29
C ALA B 38 6.35 -33.09 -18.43
N ALA B 39 5.16 -33.56 -17.96
CA ALA B 39 3.89 -32.82 -17.98
C ALA B 39 3.86 -31.71 -16.91
N ALA B 40 4.59 -31.92 -15.80
CA ALA B 40 4.68 -30.96 -14.69
C ALA B 40 5.64 -29.81 -15.04
N LEU B 41 6.78 -30.12 -15.70
CA LEU B 41 7.78 -29.15 -16.14
C LEU B 41 7.24 -28.25 -17.27
N ASP B 42 6.36 -28.81 -18.13
CA ASP B 42 5.70 -28.10 -19.22
C ASP B 42 4.66 -27.11 -18.70
N ALA B 43 4.05 -27.44 -17.53
CA ALA B 43 3.07 -26.59 -16.86
C ALA B 43 3.75 -25.47 -16.08
N GLN B 44 4.96 -25.75 -15.55
CA GLN B 44 5.76 -24.81 -14.77
C GLN B 44 6.30 -23.67 -15.65
N LYS B 45 6.80 -24.00 -16.88
CA LYS B 45 7.33 -23.03 -17.84
C LYS B 45 6.22 -22.10 -18.38
N ALA B 46 4.94 -22.56 -18.26
CA ALA B 46 3.76 -21.82 -18.66
C ALA B 46 3.40 -20.75 -17.60
N THR B 47 2.40 -19.90 -17.94
CA THR B 47 1.88 -18.82 -17.09
C THR B 47 0.35 -18.92 -17.08
N PRO B 48 -0.31 -18.98 -15.92
CA PRO B 48 -1.78 -18.99 -15.93
C PRO B 48 -2.31 -17.58 -16.31
N PRO B 49 -3.46 -17.48 -16.98
CA PRO B 49 -3.95 -16.14 -17.40
C PRO B 49 -4.19 -15.13 -16.28
N LYS B 50 -4.33 -15.53 -15.00
CA LYS B 50 -4.52 -14.57 -13.91
C LYS B 50 -3.17 -13.95 -13.45
N LEU B 51 -2.04 -14.48 -13.98
CA LEU B 51 -0.69 -14.02 -13.72
C LEU B 51 0.00 -13.54 -15.01
N GLU B 52 -0.75 -13.43 -16.13
CA GLU B 52 -0.23 -13.02 -17.46
C GLU B 52 0.33 -11.57 -17.49
N ASP B 53 -0.16 -10.70 -16.60
CA ASP B 53 0.27 -9.29 -16.49
C ASP B 53 1.46 -9.12 -15.55
N LYS B 54 1.62 -10.09 -14.63
CA LYS B 54 2.68 -10.12 -13.62
C LYS B 54 4.06 -10.37 -14.24
N SER B 55 5.11 -9.77 -13.64
CA SER B 55 6.51 -9.96 -14.04
C SER B 55 6.90 -11.44 -13.84
N PRO B 56 7.71 -12.06 -14.74
CA PRO B 56 8.09 -13.47 -14.53
C PRO B 56 8.77 -13.75 -13.18
N ASP B 57 9.28 -12.72 -12.50
CA ASP B 57 9.96 -12.86 -11.22
C ASP B 57 9.17 -12.19 -10.09
N SER B 58 7.84 -12.06 -10.28
CA SER B 58 6.94 -11.49 -9.27
C SER B 58 6.71 -12.55 -8.18
N PRO B 59 6.38 -12.16 -6.92
CA PRO B 59 6.20 -13.19 -5.86
C PRO B 59 5.22 -14.33 -6.22
N GLU B 60 4.09 -14.01 -6.88
CA GLU B 60 3.06 -14.97 -7.30
C GLU B 60 3.61 -15.92 -8.35
N MET B 61 4.32 -15.37 -9.35
CA MET B 61 4.93 -16.13 -10.43
C MET B 61 6.05 -17.03 -9.88
N LYS B 62 6.79 -16.57 -8.84
CA LYS B 62 7.83 -17.35 -8.18
C LYS B 62 7.18 -18.48 -7.40
N ASP B 63 6.08 -18.19 -6.65
CA ASP B 63 5.33 -19.17 -5.86
C ASP B 63 4.60 -20.18 -6.75
N PHE B 64 4.21 -19.77 -7.97
CA PHE B 64 3.55 -20.67 -8.92
C PHE B 64 4.53 -21.77 -9.35
N ARG B 65 5.75 -21.35 -9.78
CA ARG B 65 6.83 -22.23 -10.22
C ARG B 65 7.36 -23.11 -9.08
N HIS B 66 7.40 -22.57 -7.84
CA HIS B 66 7.86 -23.25 -6.63
C HIS B 66 6.96 -24.43 -6.29
N GLY B 67 5.67 -24.31 -6.57
CA GLY B 67 4.70 -25.39 -6.37
C GLY B 67 5.01 -26.61 -7.22
N PHE B 68 5.56 -26.39 -8.42
CA PHE B 68 5.98 -27.43 -9.36
C PHE B 68 7.34 -27.99 -8.96
N ASP B 69 8.21 -27.18 -8.29
CA ASP B 69 9.51 -27.62 -7.80
C ASP B 69 9.30 -28.69 -6.72
N ILE B 70 8.28 -28.50 -5.85
CA ILE B 70 7.90 -29.46 -4.80
C ILE B 70 7.34 -30.73 -5.47
N LEU B 71 6.43 -30.53 -6.44
CA LEU B 71 5.78 -31.60 -7.20
C LEU B 71 6.79 -32.45 -7.98
N VAL B 72 7.69 -31.82 -8.78
CA VAL B 72 8.71 -32.53 -9.57
C VAL B 72 9.68 -33.25 -8.61
N GLY B 73 9.99 -32.60 -7.47
CA GLY B 73 10.83 -33.16 -6.41
C GLY B 73 10.24 -34.42 -5.81
N GLN B 74 8.88 -34.46 -5.68
CA GLN B 74 8.10 -35.60 -5.18
C GLN B 74 8.08 -36.75 -6.21
N ILE B 75 8.05 -36.41 -7.52
CA ILE B 75 8.10 -37.38 -8.63
C ILE B 75 9.47 -38.09 -8.61
N ASP B 76 10.54 -37.35 -8.25
CA ASP B 76 11.91 -37.86 -8.13
C ASP B 76 11.99 -38.85 -6.95
N ASP B 77 11.27 -38.54 -5.84
CA ASP B 77 11.19 -39.38 -4.63
C ASP B 77 10.48 -40.69 -4.93
N ALA B 78 9.39 -40.64 -5.73
CA ALA B 78 8.58 -41.79 -6.14
C ALA B 78 9.34 -42.67 -7.14
N LEU B 79 10.11 -42.04 -8.06
CA LEU B 79 10.92 -42.76 -9.05
C LEU B 79 12.13 -43.43 -8.37
N LYS B 80 12.59 -42.88 -7.22
CA LYS B 80 13.70 -43.43 -6.42
C LYS B 80 13.29 -44.79 -5.83
N LEU B 81 12.07 -44.86 -5.25
CA LEU B 81 11.50 -46.07 -4.66
C LEU B 81 11.11 -47.11 -5.72
N ALA B 82 10.59 -46.63 -6.88
CA ALA B 82 10.16 -47.48 -8.01
C ALA B 82 11.36 -48.18 -8.66
N ASN B 83 12.45 -47.43 -8.94
CA ASN B 83 13.68 -47.95 -9.55
C ASN B 83 14.43 -48.90 -8.59
N GLU B 84 14.25 -48.72 -7.27
CA GLU B 84 14.82 -49.55 -6.20
C GLU B 84 14.19 -50.94 -6.20
N GLY B 85 12.88 -50.97 -6.41
CA GLY B 85 12.06 -52.18 -6.42
C GLY B 85 10.87 -52.04 -5.49
N LYS B 86 10.94 -51.08 -4.54
CA LYS B 86 9.90 -50.78 -3.56
C LYS B 86 8.80 -49.94 -4.23
N VAL B 87 8.01 -50.61 -5.11
CA VAL B 87 6.91 -50.05 -5.90
C VAL B 87 5.71 -49.78 -4.97
N LYS B 88 5.59 -50.54 -3.86
CA LYS B 88 4.53 -50.40 -2.85
C LYS B 88 4.60 -49.02 -2.17
N GLU B 89 5.82 -48.54 -1.87
CA GLU B 89 6.06 -47.23 -1.24
C GLU B 89 5.89 -46.08 -2.26
N ALA B 90 6.23 -46.33 -3.54
CA ALA B 90 6.11 -45.38 -4.66
C ALA B 90 4.64 -45.15 -5.02
N GLN B 91 3.79 -46.18 -4.82
CA GLN B 91 2.34 -46.14 -5.07
C GLN B 91 1.65 -45.19 -4.08
N ALA B 92 2.14 -45.15 -2.82
CA ALA B 92 1.63 -44.30 -1.74
C ALA B 92 2.00 -42.82 -1.96
N ALA B 93 3.09 -42.57 -2.72
CA ALA B 93 3.58 -41.23 -3.05
C ALA B 93 2.63 -40.49 -4.00
N ALA B 94 1.71 -41.21 -4.69
CA ALA B 94 0.71 -40.66 -5.61
C ALA B 94 -0.32 -39.81 -4.86
N GLU B 95 -0.67 -40.19 -3.61
CA GLU B 95 -1.60 -39.46 -2.77
C GLU B 95 -0.95 -38.17 -2.25
N GLN B 96 0.40 -38.20 -2.08
CA GLN B 96 1.20 -37.04 -1.63
C GLN B 96 1.28 -35.97 -2.73
N LEU B 97 1.14 -36.38 -4.00
CA LEU B 97 1.18 -35.51 -5.18
C LEU B 97 -0.15 -34.76 -5.35
N LYS B 98 -1.26 -35.40 -4.95
CA LYS B 98 -2.61 -34.85 -5.02
C LYS B 98 -2.79 -33.70 -4.04
N THR B 99 -2.22 -33.85 -2.82
CA THR B 99 -2.26 -32.87 -1.73
C THR B 99 -1.40 -31.63 -2.07
N THR B 100 -0.32 -31.83 -2.87
CA THR B 100 0.60 -30.76 -3.31
C THR B 100 -0.12 -29.89 -4.36
N ARG B 101 -0.85 -30.55 -5.27
CA ARG B 101 -1.63 -29.98 -6.36
C ARG B 101 -2.68 -28.98 -5.83
N ASN B 102 -3.18 -29.21 -4.61
CA ASN B 102 -4.20 -28.39 -3.95
C ASN B 102 -3.60 -27.25 -3.13
N ALA B 103 -2.57 -27.54 -2.31
CA ALA B 103 -1.96 -26.58 -1.38
C ALA B 103 -1.00 -25.54 -2.00
N TYR B 104 -0.46 -25.80 -3.21
CA TYR B 104 0.52 -24.88 -3.80
C TYR B 104 0.18 -24.38 -5.20
N ILE B 105 -0.53 -25.19 -6.01
CA ILE B 105 -0.78 -24.90 -7.43
C ILE B 105 -2.27 -24.56 -7.78
N GLN B 106 -3.26 -25.31 -7.24
CA GLN B 106 -4.69 -25.15 -7.59
C GLN B 106 -5.20 -23.71 -7.49
N LYS B 107 -4.75 -22.93 -6.48
CA LYS B 107 -5.14 -21.52 -6.27
C LYS B 107 -4.91 -20.64 -7.53
N TYR B 108 -3.96 -21.05 -8.39
CA TYR B 108 -3.54 -20.40 -9.63
C TYR B 108 -4.28 -20.95 -10.85
N LEU B 109 -5.12 -21.97 -10.68
CA LEU B 109 -5.83 -22.63 -11.79
C LEU B 109 -7.38 -22.51 -11.72
N ILE B 110 -7.98 -22.18 -10.57
CA ILE B 110 -9.44 -22.04 -10.43
C ILE B 110 -9.80 -20.63 -9.89
N PRO B 111 -11.05 -20.12 -10.09
CA PRO B 111 -11.39 -18.79 -9.53
C PRO B 111 -11.42 -18.86 -8.01
N VAL B 112 -10.52 -18.12 -7.35
CA VAL B 112 -10.41 -18.14 -5.89
C VAL B 112 -10.77 -16.75 -5.33
N ARG B 113 -11.73 -16.67 -4.40
CA ARG B 113 -12.12 -15.40 -3.80
C ARG B 113 -11.32 -15.16 -2.54
N TYR B 114 -11.04 -13.88 -2.26
CA TYR B 114 -10.31 -13.43 -1.06
C TYR B 114 -10.58 -11.92 -0.87
N LEU B 115 -10.34 -11.41 0.37
CA LEU B 115 -10.56 -10.01 0.74
C LEU B 115 -9.56 -9.11 0.07
N GLU B 116 -10.06 -8.23 -0.80
CA GLU B 116 -9.26 -7.30 -1.59
C GLU B 116 -9.07 -5.99 -0.86
N TRP B 117 -8.07 -5.21 -1.28
CA TRP B 117 -7.83 -3.86 -0.81
C TRP B 117 -8.92 -2.92 -1.36
N SER B 118 -9.49 -3.27 -2.54
CA SER B 118 -10.56 -2.58 -3.27
C SER B 118 -11.88 -2.49 -2.47
N ASN B 119 -12.12 -3.45 -1.54
CA ASN B 119 -13.34 -3.52 -0.74
C ASN B 119 -13.43 -2.32 0.21
N ILE B 120 -14.63 -1.71 0.29
CA ILE B 120 -14.92 -0.54 1.14
C ILE B 120 -14.51 -0.82 2.58
N GLU B 121 -14.85 -2.01 3.10
CA GLU B 121 -14.50 -2.41 4.45
C GLU B 121 -12.98 -2.41 4.65
N SER B 122 -12.18 -2.83 3.63
CA SER B 122 -10.72 -2.83 3.81
C SER B 122 -10.10 -1.46 3.51
N ILE B 123 -10.82 -0.60 2.75
CA ILE B 123 -10.37 0.78 2.48
C ILE B 123 -10.47 1.54 3.81
N ILE B 124 -11.64 1.41 4.51
CA ILE B 124 -11.91 2.04 5.82
C ILE B 124 -10.84 1.56 6.83
N ALA B 125 -10.66 0.23 6.93
CA ALA B 125 -9.70 -0.41 7.82
C ALA B 125 -8.26 0.12 7.64
N ILE B 126 -7.77 0.23 6.37
CA ILE B 126 -6.40 0.69 6.06
C ILE B 126 -6.28 2.23 6.24
N ALA B 127 -7.36 3.00 5.89
CA ALA B 127 -7.43 4.46 6.08
C ALA B 127 -7.32 4.81 7.57
N PHE B 128 -8.00 4.00 8.40
CA PHE B 128 -8.02 4.10 9.85
C PHE B 128 -6.67 3.73 10.45
N SER B 129 -5.94 2.79 9.82
CA SER B 129 -4.62 2.33 10.28
C SER B 129 -3.53 3.35 9.97
N CYS B 130 -3.63 4.05 8.82
CA CYS B 130 -2.71 5.08 8.40
C CYS B 130 -2.79 6.24 9.37
N LEU B 131 -4.02 6.63 9.77
CA LEU B 131 -4.27 7.69 10.75
C LEU B 131 -3.72 7.25 12.07
N GLY B 132 -3.99 6.01 12.41
CA GLY B 132 -3.51 5.39 13.63
C GLY B 132 -2.01 5.43 13.78
N ILE B 133 -1.27 4.97 12.74
CA ILE B 133 0.19 4.98 12.72
C ILE B 133 0.72 6.42 12.86
N LEU B 134 0.10 7.38 12.12
CA LEU B 134 0.47 8.79 12.13
C LEU B 134 0.29 9.42 13.50
N VAL B 135 -0.88 9.21 14.14
CA VAL B 135 -1.19 9.73 15.46
C VAL B 135 -0.24 9.05 16.49
N THR B 136 0.00 7.73 16.36
CA THR B 136 0.90 6.98 17.26
C THR B 136 2.33 7.52 17.18
N LEU B 137 2.84 7.77 15.98
CA LEU B 137 4.18 8.33 15.81
C LEU B 137 4.25 9.78 16.30
N PHE B 138 3.13 10.53 16.17
CA PHE B 138 2.99 11.91 16.67
C PHE B 138 3.10 11.90 18.19
N VAL B 139 2.32 11.01 18.85
CA VAL B 139 2.28 10.81 20.30
C VAL B 139 3.67 10.44 20.81
N THR B 140 4.29 9.40 20.19
CA THR B 140 5.63 8.89 20.52
C THR B 140 6.67 10.02 20.47
N LEU B 141 6.65 10.84 19.41
CA LEU B 141 7.62 11.92 19.28
C LEU B 141 7.47 12.97 20.39
N ILE B 142 6.23 13.36 20.72
CA ILE B 142 5.94 14.33 21.79
C ILE B 142 6.44 13.75 23.13
N PHE B 143 6.18 12.46 23.37
CA PHE B 143 6.64 11.75 24.56
C PHE B 143 8.16 11.78 24.65
N VAL B 144 8.85 11.56 23.52
CA VAL B 144 10.31 11.56 23.43
C VAL B 144 10.86 13.00 23.59
N LEU B 145 10.24 14.00 22.93
CA LEU B 145 10.68 15.40 23.02
C LEU B 145 10.49 15.98 24.42
N TYR B 146 9.34 15.68 25.05
CA TYR B 146 8.98 16.16 26.39
C TYR B 146 9.29 15.05 27.44
N ARG B 147 10.44 14.38 27.27
CA ARG B 147 10.99 13.28 28.07
C ARG B 147 11.09 13.62 29.56
N ASP B 148 11.83 14.72 29.87
CA ASP B 148 12.12 15.18 31.23
C ASP B 148 11.03 16.07 31.83
N THR B 149 9.99 16.44 31.04
CA THR B 149 8.88 17.27 31.53
C THR B 149 8.06 16.51 32.60
N PRO B 150 7.65 17.20 33.69
CA PRO B 150 6.94 16.54 34.79
C PRO B 150 5.68 15.73 34.44
N VAL B 151 5.02 16.01 33.30
CA VAL B 151 3.79 15.28 32.93
C VAL B 151 4.12 13.83 32.50
N VAL B 152 5.21 13.65 31.74
CA VAL B 152 5.59 12.33 31.20
C VAL B 152 6.56 11.58 32.14
N LYS B 153 7.44 12.30 32.87
CA LYS B 153 8.43 11.70 33.78
C LYS B 153 7.74 10.99 34.97
N SER B 154 6.59 11.56 35.46
CA SER B 154 5.75 11.11 36.60
C SER B 154 5.04 9.77 36.35
N SER B 155 4.75 9.46 35.07
CA SER B 155 4.16 8.20 34.61
C SER B 155 5.34 7.23 34.28
N SER B 156 5.04 5.97 33.93
CA SER B 156 6.09 5.02 33.57
C SER B 156 6.39 5.20 32.07
N ARG B 157 7.52 5.87 31.76
CA ARG B 157 7.93 6.23 30.39
C ARG B 157 8.18 5.00 29.52
N GLU B 158 9.05 4.13 30.01
CA GLU B 158 9.53 2.90 29.39
C GLU B 158 8.36 1.94 29.12
N LEU B 159 7.43 1.87 30.06
CA LEU B 159 6.20 1.09 29.97
C LEU B 159 5.23 1.72 28.95
N CYS B 160 5.15 3.09 28.88
CA CYS B 160 4.30 3.80 27.90
C CYS B 160 4.84 3.61 26.48
N TYR B 161 6.20 3.44 26.33
CA TYR B 161 6.88 3.16 25.06
C TYR B 161 6.48 1.79 24.55
N ILE B 162 6.41 0.79 25.45
CA ILE B 162 5.95 -0.58 25.13
C ILE B 162 4.48 -0.50 24.71
N ILE B 163 3.66 0.30 25.43
CA ILE B 163 2.24 0.47 25.08
C ILE B 163 2.16 1.06 23.65
N LEU B 164 2.93 2.13 23.37
CA LEU B 164 2.92 2.77 22.04
C LEU B 164 3.39 1.84 20.94
N ALA B 165 4.40 1.00 21.23
CA ALA B 165 4.92 0.02 20.27
C ALA B 165 3.82 -1.04 19.96
N GLY B 166 3.08 -1.43 21.00
CA GLY B 166 1.99 -2.38 20.89
C GLY B 166 0.83 -1.82 20.09
N ILE B 167 0.51 -0.52 20.31
CA ILE B 167 -0.53 0.24 19.60
C ILE B 167 -0.13 0.36 18.11
N PHE B 168 1.15 0.75 17.85
CA PHE B 168 1.71 0.90 16.50
C PHE B 168 1.60 -0.40 15.72
N LEU B 169 2.07 -1.51 16.30
CA LEU B 169 1.98 -2.86 15.73
C LEU B 169 0.50 -3.27 15.53
N GLY B 170 -0.38 -2.80 16.44
CA GLY B 170 -1.83 -3.02 16.36
C GLY B 170 -2.40 -2.48 15.06
N TYR B 171 -1.95 -1.26 14.62
CA TYR B 171 -2.34 -0.61 13.38
C TYR B 171 -1.67 -1.24 12.14
N VAL B 172 -0.54 -1.93 12.34
CA VAL B 172 0.16 -2.61 11.27
C VAL B 172 -0.62 -3.90 10.89
N CYS B 173 -1.27 -4.58 11.89
CA CYS B 173 -2.01 -5.83 11.71
C CYS B 173 -2.94 -5.83 10.49
N PRO B 174 -3.86 -4.83 10.25
CA PRO B 174 -4.72 -4.90 9.06
C PRO B 174 -3.99 -5.07 7.71
N PHE B 175 -2.77 -4.50 7.55
CA PHE B 175 -1.97 -4.65 6.32
C PHE B 175 -1.62 -6.13 6.04
N THR B 176 -1.34 -6.90 7.11
CA THR B 176 -0.99 -8.33 7.04
C THR B 176 -2.25 -9.20 6.86
N LEU B 177 -3.39 -8.72 7.34
CA LEU B 177 -4.67 -9.40 7.33
C LEU B 177 -5.42 -9.23 6.01
N ILE B 178 -5.36 -8.02 5.42
CA ILE B 178 -6.05 -7.70 4.16
C ILE B 178 -5.23 -8.21 2.95
N ALA B 179 -3.88 -8.30 3.08
CA ALA B 179 -2.99 -8.80 2.05
C ALA B 179 -3.36 -10.21 1.67
N LYS B 180 -3.45 -10.49 0.34
CA LYS B 180 -3.74 -11.81 -0.24
C LYS B 180 -2.90 -12.86 0.51
N PRO B 181 -3.54 -13.90 1.10
CA PRO B 181 -2.78 -14.87 1.91
C PRO B 181 -1.56 -15.47 1.21
N THR B 182 -0.39 -15.24 1.83
CA THR B 182 0.93 -15.77 1.47
C THR B 182 1.48 -16.36 2.75
N THR B 183 2.49 -17.24 2.67
CA THR B 183 3.10 -17.82 3.87
C THR B 183 3.54 -16.68 4.82
N THR B 184 4.19 -15.64 4.26
CA THR B 184 4.70 -14.48 5.01
C THR B 184 3.58 -13.71 5.73
N SER B 185 2.49 -13.36 5.00
CA SER B 185 1.36 -12.64 5.59
C SER B 185 0.68 -13.47 6.69
N CYS B 186 0.59 -14.80 6.52
CA CYS B 186 -0.01 -15.70 7.51
C CYS B 186 0.85 -15.76 8.78
N TYR B 187 2.18 -15.76 8.63
CA TYR B 187 3.15 -15.75 9.71
C TYR B 187 2.99 -14.46 10.54
N LEU B 188 3.24 -13.32 9.88
CA LEU B 188 3.18 -11.99 10.46
C LEU B 188 1.84 -11.68 11.16
N GLN B 189 0.66 -11.97 10.55
CA GLN B 189 -0.63 -11.67 11.20
C GLN B 189 -0.75 -12.42 12.55
N ARG B 190 -0.30 -13.68 12.62
CA ARG B 190 -0.36 -14.50 13.83
C ARG B 190 0.55 -13.91 14.90
N LEU B 191 1.74 -13.47 14.49
CA LEU B 191 2.76 -12.84 15.34
C LEU B 191 2.29 -11.48 15.80
N LEU B 192 1.94 -10.60 14.86
CA LEU B 192 1.54 -9.23 15.10
C LEU B 192 0.21 -9.10 15.82
N VAL B 193 -0.83 -9.89 15.47
CA VAL B 193 -2.13 -9.82 16.15
C VAL B 193 -1.99 -10.24 17.62
N GLY B 194 -1.31 -11.36 17.85
CA GLY B 194 -1.06 -11.88 19.19
C GLY B 194 -0.21 -10.98 20.06
N LEU B 195 0.94 -10.53 19.53
CA LEU B 195 1.90 -9.72 20.29
C LEU B 195 1.54 -8.26 20.43
N SER B 196 0.85 -7.64 19.45
CA SER B 196 0.50 -6.21 19.54
C SER B 196 -0.35 -5.95 20.77
N SER B 197 -1.40 -6.74 20.99
CA SER B 197 -2.31 -6.63 22.12
C SER B 197 -1.62 -7.05 23.44
N ALA B 198 -0.82 -8.14 23.39
CA ALA B 198 -0.08 -8.67 24.55
C ALA B 198 0.94 -7.65 25.05
N MET B 199 1.54 -6.86 24.15
CA MET B 199 2.47 -5.79 24.52
C MET B 199 1.75 -4.67 25.29
N CYS B 200 0.56 -4.25 24.80
CA CYS B 200 -0.24 -3.21 25.41
C CYS B 200 -0.68 -3.61 26.81
N TYR B 201 -1.30 -4.79 26.94
CA TYR B 201 -1.87 -5.24 28.21
C TYR B 201 -0.84 -5.85 29.17
N SER B 202 0.38 -6.23 28.70
CA SER B 202 1.48 -6.68 29.57
C SER B 202 2.05 -5.45 30.28
N ALA B 203 2.20 -4.34 29.53
CA ALA B 203 2.67 -3.09 30.10
C ALA B 203 1.56 -2.47 30.97
N LEU B 204 0.29 -2.58 30.53
CA LEU B 204 -0.83 -2.05 31.30
C LEU B 204 -1.06 -2.81 32.60
N VAL B 205 -1.03 -4.17 32.63
CA VAL B 205 -1.23 -4.87 33.92
C VAL B 205 -0.04 -4.55 34.88
N THR B 206 1.18 -4.32 34.35
CA THR B 206 2.35 -3.91 35.12
C THR B 206 2.10 -2.49 35.69
N LYS B 207 1.68 -1.55 34.82
CA LYS B 207 1.38 -0.18 35.19
C LYS B 207 0.32 -0.11 36.28
N THR B 208 -0.84 -0.75 36.04
CA THR B 208 -2.02 -0.74 36.93
C THR B 208 -1.76 -1.52 38.22
N ASN B 209 -1.01 -2.64 38.15
CA ASN B 209 -0.69 -3.38 39.36
C ASN B 209 0.17 -2.50 40.27
N ARG B 210 1.16 -1.79 39.69
CA ARG B 210 2.04 -0.87 40.40
C ARG B 210 1.20 0.23 41.06
N ILE B 211 0.18 0.73 40.36
CA ILE B 211 -0.74 1.75 40.84
C ILE B 211 -1.55 1.19 42.03
N ALA B 212 -1.97 -0.09 41.95
CA ALA B 212 -2.75 -0.77 42.99
C ALA B 212 -1.92 -0.98 44.26
N ARG B 213 -0.62 -1.25 44.11
CA ARG B 213 0.32 -1.45 45.21
C ARG B 213 0.63 -0.10 45.87
N ILE B 214 0.64 0.98 45.04
CA ILE B 214 0.86 2.34 45.51
C ILE B 214 -0.29 2.71 46.46
N LEU B 215 -1.54 2.21 46.17
CA LEU B 215 -2.72 2.40 47.04
C LEU B 215 -2.49 1.72 48.42
N ALA B 216 -2.07 2.55 49.37
CA ALA B 216 -1.73 2.22 50.75
C ALA B 216 -1.77 3.51 51.58
N GLY B 217 -2.50 3.48 52.69
CA GLY B 217 -2.66 4.62 53.61
C GLY B 217 -2.63 4.21 55.07
N CYS B 223 7.92 2.95 60.82
CA CYS B 223 6.98 3.78 60.06
C CYS B 223 6.41 3.02 58.86
N THR B 224 7.30 2.51 57.96
CA THR B 224 6.97 1.73 56.74
C THR B 224 8.24 1.02 56.21
N ARG B 225 8.20 0.58 54.92
CA ARG B 225 9.30 -0.10 54.21
C ARG B 225 9.25 0.28 52.72
N LYS B 226 10.44 0.49 52.09
CA LYS B 226 10.60 0.84 50.67
C LYS B 226 10.02 -0.27 49.77
N PRO B 227 8.96 0.02 48.97
CA PRO B 227 8.34 -1.05 48.15
C PRO B 227 9.20 -1.50 46.98
N ARG B 228 9.20 -2.81 46.74
CA ARG B 228 9.98 -3.47 45.70
C ARG B 228 9.20 -3.55 44.38
N PHE B 229 9.94 -3.83 43.28
CA PHE B 229 9.47 -3.99 41.88
C PHE B 229 8.75 -2.72 41.35
N MET B 230 9.08 -1.56 41.95
CA MET B 230 8.56 -0.23 41.65
C MET B 230 9.38 0.49 40.56
N SER B 231 10.68 0.15 40.47
CA SER B 231 11.69 0.67 39.54
C SER B 231 11.24 0.62 38.07
N ALA B 232 11.84 1.48 37.20
CA ALA B 232 11.53 1.45 35.77
C ALA B 232 12.03 0.12 35.17
N TRP B 233 13.24 -0.35 35.58
CA TRP B 233 13.81 -1.61 35.10
C TRP B 233 12.94 -2.80 35.52
N ALA B 234 12.49 -2.83 36.79
CA ALA B 234 11.61 -3.89 37.30
C ALA B 234 10.33 -3.98 36.47
N GLN B 235 9.73 -2.81 36.12
CA GLN B 235 8.51 -2.71 35.34
C GLN B 235 8.71 -3.29 33.93
N VAL B 236 9.81 -2.90 33.25
CA VAL B 236 10.18 -3.36 31.92
C VAL B 236 10.41 -4.87 31.95
N ILE B 237 11.20 -5.37 32.94
CA ILE B 237 11.48 -6.82 33.09
C ILE B 237 10.12 -7.59 33.26
N ILE B 238 9.25 -7.16 34.21
CA ILE B 238 7.97 -7.81 34.48
C ILE B 238 7.12 -7.83 33.19
N ALA B 239 7.05 -6.69 32.49
CA ALA B 239 6.29 -6.59 31.23
C ALA B 239 6.87 -7.53 30.18
N SER B 240 8.21 -7.59 30.08
CA SER B 240 8.94 -8.42 29.12
C SER B 240 8.69 -9.91 29.32
N ILE B 241 8.63 -10.37 30.58
CA ILE B 241 8.34 -11.78 30.88
C ILE B 241 6.90 -12.10 30.42
N LEU B 242 5.93 -11.22 30.70
CA LEU B 242 4.54 -11.42 30.31
C LEU B 242 4.39 -11.44 28.78
N ILE B 243 5.13 -10.58 28.04
CA ILE B 243 5.08 -10.53 26.57
C ILE B 243 5.67 -11.83 26.01
N SER B 244 6.82 -12.28 26.59
CA SER B 244 7.53 -13.49 26.20
C SER B 244 6.67 -14.75 26.36
N VAL B 245 5.66 -14.73 27.27
CA VAL B 245 4.73 -15.85 27.42
C VAL B 245 3.92 -15.95 26.12
N GLN B 246 3.42 -14.79 25.60
CA GLN B 246 2.67 -14.74 24.34
C GLN B 246 3.58 -15.08 23.17
N LEU B 247 4.79 -14.53 23.12
CA LEU B 247 5.79 -14.83 22.08
C LEU B 247 6.07 -16.35 22.03
N THR B 248 6.27 -16.99 23.19
CA THR B 248 6.49 -18.45 23.29
C THR B 248 5.25 -19.20 22.76
N LEU B 249 4.05 -18.84 23.26
CA LEU B 249 2.77 -19.43 22.88
C LEU B 249 2.50 -19.34 21.37
N VAL B 250 2.68 -18.14 20.77
CA VAL B 250 2.42 -17.89 19.36
C VAL B 250 3.47 -18.61 18.46
N VAL B 251 4.77 -18.46 18.78
CA VAL B 251 5.84 -19.08 18.00
C VAL B 251 5.71 -20.61 18.05
N THR B 252 5.48 -21.23 19.23
CA THR B 252 5.30 -22.69 19.38
C THR B 252 4.17 -23.19 18.46
N LEU B 253 3.05 -22.43 18.41
CA LEU B 253 1.90 -22.72 17.56
C LEU B 253 2.29 -22.56 16.10
N ILE B 254 3.09 -21.52 15.75
CA ILE B 254 3.58 -21.27 14.38
C ILE B 254 4.47 -22.47 13.95
N ILE B 255 5.18 -23.08 14.92
CA ILE B 255 6.06 -24.23 14.67
C ILE B 255 5.24 -25.51 14.48
N MET B 256 4.29 -25.81 15.40
CA MET B 256 3.53 -27.06 15.28
C MET B 256 2.39 -26.96 14.27
N GLU B 257 2.00 -25.73 13.91
CA GLU B 257 0.95 -25.48 12.92
C GLU B 257 1.49 -24.41 11.97
N PRO B 258 2.48 -24.76 11.09
CA PRO B 258 3.11 -23.76 10.22
C PRO B 258 2.13 -22.95 9.36
N PRO B 259 2.28 -21.59 9.38
CA PRO B 259 1.35 -20.73 8.62
C PRO B 259 1.43 -20.95 7.12
N MET B 260 0.26 -21.10 6.49
CA MET B 260 0.13 -21.37 5.07
C MET B 260 -1.15 -20.79 4.49
N PRO B 261 -1.15 -20.31 3.22
CA PRO B 261 -2.42 -19.94 2.60
C PRO B 261 -3.13 -21.21 2.12
N ILE B 262 -4.40 -21.38 2.49
CA ILE B 262 -5.17 -22.56 2.10
C ILE B 262 -6.49 -22.17 1.42
N LEU B 263 -7.07 -23.13 0.67
CA LEU B 263 -8.36 -22.97 0.01
C LEU B 263 -9.45 -23.50 0.91
N SER B 264 -10.36 -22.62 1.33
CA SER B 264 -11.50 -22.92 2.17
C SER B 264 -12.74 -23.09 1.30
N TYR B 265 -13.64 -24.00 1.69
CA TYR B 265 -14.87 -24.27 0.95
C TYR B 265 -16.12 -24.08 1.86
N PRO B 266 -16.36 -22.88 2.47
CA PRO B 266 -17.57 -22.73 3.31
C PRO B 266 -18.81 -22.58 2.43
N SER B 267 -18.72 -21.70 1.41
CA SER B 267 -19.76 -21.47 0.43
C SER B 267 -19.87 -22.68 -0.51
N ILE B 268 -21.05 -22.89 -1.08
CA ILE B 268 -21.30 -23.99 -2.00
C ILE B 268 -20.71 -23.71 -3.38
N LYS B 269 -20.59 -22.42 -3.78
CA LYS B 269 -20.11 -22.05 -5.12
C LYS B 269 -18.74 -21.36 -5.11
N GLU B 270 -18.41 -20.58 -4.06
CA GLU B 270 -17.12 -19.86 -3.97
C GLU B 270 -16.06 -20.64 -3.21
N VAL B 271 -14.80 -20.56 -3.69
CA VAL B 271 -13.58 -21.15 -3.11
C VAL B 271 -12.75 -20.00 -2.54
N TYR B 272 -12.58 -19.94 -1.21
CA TYR B 272 -11.89 -18.81 -0.59
C TYR B 272 -10.43 -19.07 -0.19
N LEU B 273 -9.51 -18.16 -0.61
CA LEU B 273 -8.10 -18.24 -0.23
C LEU B 273 -7.95 -17.55 1.12
N ILE B 274 -7.58 -18.32 2.15
CA ILE B 274 -7.43 -17.85 3.53
C ILE B 274 -6.18 -18.45 4.18
N CYS B 275 -5.80 -17.96 5.38
CA CYS B 275 -4.70 -18.54 6.14
C CYS B 275 -5.17 -19.79 6.91
N ASN B 276 -4.30 -20.82 7.01
CA ASN B 276 -4.62 -22.11 7.63
C ASN B 276 -4.66 -22.10 9.17
N THR B 277 -4.67 -20.88 9.81
CA THR B 277 -4.72 -20.69 11.26
C THR B 277 -5.91 -21.50 11.87
N SER B 278 -5.61 -22.40 12.82
CA SER B 278 -6.60 -23.23 13.51
C SER B 278 -7.37 -22.45 14.59
N ASN B 279 -8.35 -23.13 15.26
CA ASN B 279 -9.10 -22.53 16.37
C ASN B 279 -8.15 -22.33 17.55
N LEU B 280 -7.25 -23.31 17.76
CA LEU B 280 -6.22 -23.30 18.79
C LEU B 280 -5.25 -22.15 18.57
N GLY B 281 -4.89 -21.91 17.31
CA GLY B 281 -4.01 -20.83 16.89
C GLY B 281 -4.54 -19.46 17.21
N VAL B 282 -5.88 -19.33 17.42
CA VAL B 282 -6.57 -18.09 17.77
C VAL B 282 -6.95 -18.08 19.27
N VAL B 283 -7.58 -19.16 19.77
CA VAL B 283 -8.04 -19.26 21.15
C VAL B 283 -6.89 -19.18 22.15
N ALA B 284 -5.77 -19.91 21.93
CA ALA B 284 -4.67 -19.87 22.88
C ALA B 284 -4.13 -18.42 23.03
N PRO B 285 -3.65 -17.68 22.00
CA PRO B 285 -3.20 -16.29 22.24
C PRO B 285 -4.33 -15.31 22.65
N LEU B 286 -5.59 -15.56 22.21
CA LEU B 286 -6.74 -14.70 22.54
C LEU B 286 -7.07 -14.83 24.03
N GLY B 287 -7.02 -16.06 24.54
CA GLY B 287 -7.26 -16.40 25.94
C GLY B 287 -6.22 -15.78 26.84
N TYR B 288 -4.95 -15.71 26.37
CA TYR B 288 -3.87 -15.08 27.12
C TYR B 288 -4.03 -13.56 27.12
N ASN B 289 -4.44 -12.98 25.99
CA ASN B 289 -4.71 -11.55 25.92
C ASN B 289 -5.90 -11.21 26.83
N GLY B 290 -6.90 -12.10 26.84
CA GLY B 290 -8.10 -12.00 27.67
C GLY B 290 -7.76 -12.06 29.15
N LEU B 291 -6.79 -12.89 29.52
CA LEU B 291 -6.28 -13.04 30.88
C LEU B 291 -5.64 -11.73 31.33
N LEU B 292 -4.85 -11.08 30.44
CA LEU B 292 -4.21 -9.80 30.70
C LEU B 292 -5.27 -8.68 30.84
N ILE B 293 -6.23 -8.61 29.88
CA ILE B 293 -7.37 -7.64 29.85
C ILE B 293 -8.21 -7.77 31.15
N MET B 294 -8.43 -9.00 31.63
CA MET B 294 -9.17 -9.29 32.86
C MET B 294 -8.39 -8.84 34.11
N SER B 295 -7.06 -9.09 34.11
CA SER B 295 -6.14 -8.68 35.18
C SER B 295 -6.04 -7.16 35.25
N CYS B 296 -5.91 -6.51 34.07
CA CYS B 296 -5.83 -5.06 33.84
C CYS B 296 -7.03 -4.37 34.44
N THR B 297 -8.25 -4.80 34.05
CA THR B 297 -9.55 -4.28 34.44
C THR B 297 -9.73 -4.40 35.95
N TYR B 298 -9.27 -5.51 36.58
CA TYR B 298 -9.35 -5.71 38.02
C TYR B 298 -8.63 -4.56 38.73
N TYR B 299 -7.36 -4.32 38.36
CA TYR B 299 -6.51 -3.27 38.91
C TYR B 299 -6.98 -1.88 38.49
N ALA B 300 -7.48 -1.73 37.25
CA ALA B 300 -8.02 -0.47 36.72
C ALA B 300 -9.25 -0.04 37.52
N PHE B 301 -10.14 -1.00 37.82
CA PHE B 301 -11.35 -0.77 38.60
C PHE B 301 -10.97 -0.46 40.05
N LYS B 302 -10.07 -1.28 40.66
CA LYS B 302 -9.58 -1.09 42.04
C LYS B 302 -9.07 0.34 42.28
N THR B 303 -8.43 0.93 41.26
CA THR B 303 -7.83 2.26 41.31
C THR B 303 -8.55 3.31 40.40
N ARG B 304 -9.81 3.05 40.01
CA ARG B 304 -10.59 3.96 39.16
C ARG B 304 -10.63 5.41 39.68
N ASN B 305 -10.82 5.60 41.02
CA ASN B 305 -10.97 6.92 41.63
C ASN B 305 -9.65 7.48 42.21
N VAL B 306 -8.49 6.99 41.71
CA VAL B 306 -7.19 7.52 42.15
C VAL B 306 -7.00 8.84 41.37
N PRO B 307 -6.82 9.97 42.07
CA PRO B 307 -6.72 11.27 41.37
C PRO B 307 -5.33 11.64 40.88
N ALA B 308 -4.31 10.83 41.25
CA ALA B 308 -2.90 11.00 40.86
C ALA B 308 -2.73 11.03 39.34
N ASN B 309 -1.85 11.93 38.87
CA ASN B 309 -1.44 12.18 37.48
C ASN B 309 -2.61 12.59 36.58
N PHE B 310 -3.34 13.66 36.96
CA PHE B 310 -4.48 14.23 36.22
C PHE B 310 -5.56 13.18 35.92
N ASN B 311 -5.95 12.41 36.97
CA ASN B 311 -6.96 11.34 36.97
C ASN B 311 -6.65 10.26 35.91
N GLU B 312 -5.36 9.94 35.74
CA GLU B 312 -4.78 8.97 34.80
C GLU B 312 -5.48 7.60 34.90
N ALA B 313 -5.82 7.20 36.14
CA ALA B 313 -6.47 5.94 36.49
C ALA B 313 -7.91 5.82 35.96
N LYS B 314 -8.70 6.93 35.96
CA LYS B 314 -10.08 6.93 35.44
C LYS B 314 -10.09 6.65 33.95
N TYR B 315 -9.06 7.15 33.22
CA TYR B 315 -8.88 6.96 31.79
C TYR B 315 -8.46 5.52 31.47
N ILE B 316 -7.61 4.88 32.31
CA ILE B 316 -7.22 3.47 32.15
C ILE B 316 -8.47 2.60 32.37
N ALA B 317 -9.27 2.90 33.41
CA ALA B 317 -10.49 2.18 33.77
C ALA B 317 -11.46 2.12 32.58
N PHE B 318 -11.79 3.25 31.96
CA PHE B 318 -12.72 3.27 30.83
C PHE B 318 -12.09 2.70 29.55
N THR B 319 -10.74 2.68 29.43
CA THR B 319 -10.02 2.01 28.34
C THR B 319 -10.29 0.50 28.48
N MET B 320 -10.22 0.01 29.74
CA MET B 320 -10.36 -1.39 30.11
C MET B 320 -11.78 -1.89 30.04
N TYR B 321 -12.78 -1.05 30.37
CA TYR B 321 -14.18 -1.48 30.24
C TYR B 321 -14.53 -1.65 28.76
N THR B 322 -14.00 -0.76 27.89
CA THR B 322 -14.24 -0.78 26.45
C THR B 322 -13.56 -2.01 25.82
N THR B 323 -12.30 -2.28 26.23
CA THR B 323 -11.51 -3.41 25.75
C THR B 323 -12.21 -4.71 26.11
N CYS B 324 -12.76 -4.81 27.34
CA CYS B 324 -13.49 -5.99 27.78
C CYS B 324 -14.66 -6.27 26.84
N ILE B 325 -15.47 -5.23 26.53
CA ILE B 325 -16.62 -5.30 25.63
C ILE B 325 -16.15 -5.71 24.22
N ILE B 326 -15.03 -5.12 23.71
CA ILE B 326 -14.49 -5.44 22.38
C ILE B 326 -14.13 -6.92 22.32
N TRP B 327 -13.43 -7.41 23.37
CA TRP B 327 -12.99 -8.81 23.49
C TRP B 327 -14.19 -9.73 23.57
N LEU B 328 -15.14 -9.43 24.48
CA LEU B 328 -16.37 -10.19 24.68
C LEU B 328 -17.21 -10.23 23.41
N ALA B 329 -17.22 -9.15 22.61
CA ALA B 329 -17.95 -9.13 21.36
C ALA B 329 -17.20 -9.90 20.28
N PHE B 330 -15.86 -9.85 20.30
CA PHE B 330 -15.01 -10.53 19.32
C PHE B 330 -15.25 -12.05 19.29
N VAL B 331 -15.38 -12.70 20.47
CA VAL B 331 -15.56 -14.15 20.54
C VAL B 331 -16.81 -14.60 19.73
N PRO B 332 -18.07 -14.19 20.02
CA PRO B 332 -19.21 -14.65 19.21
C PRO B 332 -19.17 -14.17 17.75
N ILE B 333 -18.61 -12.97 17.47
CA ILE B 333 -18.54 -12.46 16.10
C ILE B 333 -17.51 -13.30 15.32
N TYR B 334 -16.31 -13.52 15.88
CA TYR B 334 -15.29 -14.29 15.19
C TYR B 334 -15.69 -15.76 15.05
N PHE B 335 -16.17 -16.40 16.13
CA PHE B 335 -16.49 -17.83 16.08
C PHE B 335 -17.88 -18.16 15.54
N GLY B 336 -18.78 -17.18 15.49
CA GLY B 336 -20.14 -17.37 15.00
C GLY B 336 -20.47 -16.80 13.64
N SER B 337 -19.48 -16.20 12.93
CA SER B 337 -19.72 -15.64 11.60
C SER B 337 -18.52 -15.84 10.67
N ASN B 338 -18.74 -15.69 9.35
CA ASN B 338 -17.68 -15.82 8.32
C ASN B 338 -17.05 -14.44 7.98
N TYR B 339 -16.90 -13.56 9.00
CA TYR B 339 -16.31 -12.21 8.88
C TYR B 339 -15.04 -12.12 9.70
N LYS B 340 -14.33 -13.24 9.83
CA LYS B 340 -13.14 -13.46 10.65
C LYS B 340 -11.96 -12.49 10.38
N ILE B 341 -11.66 -12.17 9.12
CA ILE B 341 -10.54 -11.29 8.79
C ILE B 341 -10.85 -9.86 9.19
N ILE B 342 -11.99 -9.30 8.72
CA ILE B 342 -12.34 -7.92 9.05
C ILE B 342 -12.63 -7.77 10.56
N THR B 343 -13.22 -8.80 11.23
CA THR B 343 -13.48 -8.79 12.69
C THR B 343 -12.15 -8.63 13.42
N THR B 344 -11.13 -9.45 13.09
CA THR B 344 -9.79 -9.37 13.70
C THR B 344 -9.25 -7.94 13.47
N CYS B 345 -9.30 -7.45 12.20
CA CYS B 345 -8.86 -6.12 11.79
C CYS B 345 -9.43 -5.05 12.72
N PHE B 346 -10.77 -5.02 12.89
CA PHE B 346 -11.38 -4.00 13.72
C PHE B 346 -11.24 -4.29 15.22
N ALA B 347 -11.19 -5.55 15.66
CA ALA B 347 -11.00 -5.82 17.08
C ALA B 347 -9.65 -5.26 17.55
N VAL B 348 -8.59 -5.47 16.74
CA VAL B 348 -7.24 -5.00 17.02
C VAL B 348 -7.20 -3.46 16.89
N SER B 349 -7.59 -2.90 15.71
CA SER B 349 -7.57 -1.44 15.48
C SER B 349 -8.44 -0.63 16.47
N LEU B 350 -9.65 -1.13 16.82
CA LEU B 350 -10.53 -0.46 17.77
C LEU B 350 -9.96 -0.49 19.18
N SER B 351 -9.52 -1.66 19.66
CA SER B 351 -8.98 -1.83 21.01
C SER B 351 -7.74 -0.98 21.26
N VAL B 352 -6.90 -0.85 20.24
CA VAL B 352 -5.65 -0.07 20.27
C VAL B 352 -5.96 1.45 20.13
N THR B 353 -7.07 1.81 19.43
CA THR B 353 -7.54 3.20 19.25
C THR B 353 -8.11 3.71 20.57
N VAL B 354 -8.84 2.84 21.30
CA VAL B 354 -9.39 3.15 22.63
C VAL B 354 -8.23 3.59 23.54
N ALA B 355 -7.19 2.74 23.66
CA ALA B 355 -5.97 2.96 24.45
C ALA B 355 -5.23 4.24 24.01
N LEU B 356 -4.96 4.41 22.69
CA LEU B 356 -4.30 5.60 22.15
C LEU B 356 -5.13 6.88 22.49
N GLY B 357 -6.46 6.80 22.29
CA GLY B 357 -7.40 7.87 22.53
C GLY B 357 -7.62 8.22 23.99
N CYS B 358 -8.06 7.26 24.83
CA CYS B 358 -8.36 7.51 26.26
C CYS B 358 -7.12 7.83 27.07
N MET B 359 -6.06 7.03 26.88
CA MET B 359 -4.85 7.14 27.68
C MET B 359 -3.85 8.19 27.24
N PHE B 360 -3.79 8.51 25.94
CA PHE B 360 -2.76 9.43 25.50
C PHE B 360 -3.26 10.82 25.12
N THR B 361 -4.54 10.97 24.68
CA THR B 361 -5.11 12.28 24.32
C THR B 361 -5.07 13.23 25.53
N PRO B 362 -5.50 12.82 26.78
CA PRO B 362 -5.42 13.75 27.92
C PRO B 362 -4.00 14.24 28.19
N LYS B 363 -2.97 13.35 28.09
CA LYS B 363 -1.57 13.68 28.29
C LYS B 363 -1.10 14.69 27.22
N MET B 364 -1.39 14.42 25.93
CA MET B 364 -1.04 15.31 24.80
C MET B 364 -1.56 16.72 25.04
N TYR B 365 -2.85 16.82 25.45
CA TYR B 365 -3.57 18.06 25.75
C TYR B 365 -2.84 18.88 26.82
N ILE B 366 -2.50 18.24 27.96
CA ILE B 366 -1.77 18.89 29.05
C ILE B 366 -0.34 19.30 28.58
N ILE B 367 0.14 18.74 27.45
CA ILE B 367 1.50 19.03 26.97
C ILE B 367 1.49 20.05 25.81
N ILE B 368 0.78 19.77 24.70
CA ILE B 368 0.76 20.58 23.48
C ILE B 368 -0.40 21.63 23.41
N ALA B 369 -1.23 21.77 24.46
CA ALA B 369 -2.33 22.74 24.46
C ALA B 369 -2.42 23.52 25.79
N LYS B 370 -1.94 22.93 26.89
CA LYS B 370 -1.93 23.58 28.22
C LYS B 370 -0.56 23.34 28.89
N PRO B 371 0.56 23.92 28.37
CA PRO B 371 1.88 23.66 28.98
C PRO B 371 2.14 24.43 30.27
N GLU B 372 1.18 25.25 30.72
CA GLU B 372 1.29 26.02 31.96
C GLU B 372 0.93 25.10 33.13
N ARG B 373 0.07 24.09 32.87
CA ARG B 373 -0.37 23.08 33.82
C ARG B 373 0.63 21.90 33.83
N ASN B 374 1.49 21.83 32.79
CA ASN B 374 2.52 20.81 32.59
C ASN B 374 3.62 20.95 33.64
N VAL B 375 4.08 22.19 33.92
CA VAL B 375 5.12 22.50 34.90
C VAL B 375 4.70 22.14 36.32
#